data_2KNX
#
_entry.id   2KNX
#
loop_
_entity.id
_entity.type
_entity.pdbx_description
1 polymer 'Prolow-density lipoprotein receptor-related protein 1'
2 non-polymer 'CALCIUM ION'
#
_entity_poly.entity_id   1
_entity_poly.type   'polypeptide(L)'
_entity_poly.pdbx_seq_one_letter_code
;GSEGKTCGPSSFSCPGTHVCVPERWLCDGDKDCADGADESIAAGCLYNST
;
_entity_poly.pdbx_strand_id   A
#
loop_
_chem_comp.id
_chem_comp.type
_chem_comp.name
_chem_comp.formula
CA non-polymer 'CALCIUM ION' 'Ca 2'
#
# COMPACT_ATOMS: atom_id res chain seq x y z
N GLY A 1 8.73 16.97 8.05
CA GLY A 1 9.60 15.86 8.53
C GLY A 1 9.30 14.54 7.85
N SER A 2 8.50 13.70 8.52
CA SER A 2 8.14 12.40 7.97
C SER A 2 9.38 11.54 7.74
N GLU A 3 9.94 11.03 8.83
CA GLU A 3 11.14 10.19 8.76
C GLU A 3 10.76 8.75 8.41
N GLY A 4 11.38 8.22 7.35
CA GLY A 4 11.09 6.86 6.95
C GLY A 4 9.63 6.64 6.63
N LYS A 5 8.96 7.70 6.19
CA LYS A 5 7.54 7.62 5.86
C LYS A 5 7.34 7.06 4.45
N THR A 6 7.61 7.88 3.46
CA THR A 6 7.46 7.47 2.06
C THR A 6 8.37 6.30 1.73
N CYS A 7 7.80 5.25 1.17
CA CYS A 7 8.56 4.05 0.80
C CYS A 7 9.39 3.54 1.99
N GLY A 8 8.71 3.04 3.01
CA GLY A 8 9.40 2.54 4.18
C GLY A 8 10.08 1.21 3.91
N PRO A 9 10.38 0.43 4.97
CA PRO A 9 11.03 -0.88 4.83
C PRO A 9 10.27 -1.81 3.89
N SER A 10 8.94 -1.80 4.03
CA SER A 10 8.08 -2.63 3.19
C SER A 10 7.20 -1.76 2.30
N SER A 11 7.85 -1.06 1.38
CA SER A 11 7.14 -0.17 0.45
C SER A 11 6.55 -0.95 -0.72
N PHE A 12 5.24 -0.86 -0.88
CA PHE A 12 4.55 -1.53 -1.97
C PHE A 12 4.31 -0.57 -3.13
N SER A 13 4.41 -1.08 -4.35
CA SER A 13 4.21 -0.26 -5.54
C SER A 13 2.85 -0.51 -6.17
N CYS A 14 2.15 0.58 -6.48
CA CYS A 14 0.83 0.48 -7.10
C CYS A 14 0.95 0.10 -8.57
N PRO A 15 0.18 -0.91 -9.02
CA PRO A 15 0.21 -1.37 -10.41
C PRO A 15 -0.16 -0.27 -11.40
N GLY A 16 0.25 -0.44 -12.65
CA GLY A 16 -0.05 0.55 -13.67
C GLY A 16 0.53 1.92 -13.35
N THR A 17 1.55 1.94 -12.50
CA THR A 17 2.21 3.19 -12.11
C THR A 17 3.35 2.92 -11.15
N HIS A 18 4.17 3.94 -10.90
CA HIS A 18 5.31 3.80 -10.00
C HIS A 18 5.10 4.56 -8.69
N VAL A 19 4.04 4.22 -7.97
CA VAL A 19 3.75 4.87 -6.69
C VAL A 19 3.98 3.89 -5.53
N CYS A 20 4.85 4.28 -4.61
CA CYS A 20 5.15 3.43 -3.46
C CYS A 20 4.16 3.67 -2.32
N VAL A 21 4.10 2.71 -1.40
CA VAL A 21 3.20 2.81 -0.25
C VAL A 21 3.68 1.91 0.88
N PRO A 22 4.14 2.50 2.00
CA PRO A 22 4.62 1.73 3.15
C PRO A 22 3.59 0.72 3.63
N GLU A 23 4.06 -0.43 4.09
CA GLU A 23 3.17 -1.48 4.58
C GLU A 23 2.15 -0.91 5.57
N ARG A 24 2.56 0.11 6.31
CA ARG A 24 1.68 0.76 7.28
C ARG A 24 0.46 1.35 6.58
N TRP A 25 0.66 1.78 5.34
CA TRP A 25 -0.42 2.37 4.55
C TRP A 25 -1.17 1.29 3.76
N LEU A 26 -0.53 0.14 3.58
CA LEU A 26 -1.13 -0.96 2.85
C LEU A 26 -2.44 -1.40 3.49
N CYS A 27 -3.52 -1.31 2.73
CA CYS A 27 -4.84 -1.69 3.24
C CYS A 27 -5.16 -0.99 4.55
N ASP A 28 -5.00 0.34 4.55
CA ASP A 28 -5.26 1.14 5.75
C ASP A 28 -6.58 1.91 5.61
N GLY A 29 -7.12 1.95 4.40
CA GLY A 29 -8.37 2.65 4.17
C GLY A 29 -8.22 3.78 3.17
N ASP A 30 -7.01 4.32 3.06
CA ASP A 30 -6.74 5.42 2.13
C ASP A 30 -6.20 4.88 0.80
N LYS A 31 -7.09 4.75 -0.18
CA LYS A 31 -6.70 4.25 -1.49
C LYS A 31 -5.59 5.10 -2.10
N ASP A 32 -4.34 4.73 -1.81
CA ASP A 32 -3.20 5.46 -2.33
C ASP A 32 -2.94 5.10 -3.80
N CYS A 33 -3.26 3.86 -4.14
CA CYS A 33 -3.08 3.39 -5.52
C CYS A 33 -4.26 3.82 -6.40
N ALA A 34 -3.96 4.13 -7.65
CA ALA A 34 -4.99 4.58 -8.60
C ALA A 34 -6.23 3.68 -8.56
N ASP A 35 -6.00 2.38 -8.38
CA ASP A 35 -7.10 1.42 -8.33
C ASP A 35 -7.21 0.76 -6.96
N GLY A 36 -6.80 1.47 -5.92
CA GLY A 36 -6.86 0.94 -4.58
C GLY A 36 -6.18 -0.42 -4.45
N ALA A 37 -5.15 -0.65 -5.26
CA ALA A 37 -4.42 -1.91 -5.22
C ALA A 37 -3.91 -2.22 -3.82
N ASP A 38 -3.30 -1.23 -3.18
CA ASP A 38 -2.78 -1.39 -1.83
C ASP A 38 -3.87 -1.86 -0.87
N GLU A 39 -5.11 -1.50 -1.18
CA GLU A 39 -6.25 -1.89 -0.35
C GLU A 39 -6.92 -3.15 -0.88
N SER A 40 -6.28 -3.83 -1.82
CA SER A 40 -6.84 -5.04 -2.41
C SER A 40 -5.80 -6.17 -2.39
N ILE A 41 -6.22 -7.34 -2.86
CA ILE A 41 -5.33 -8.50 -2.91
C ILE A 41 -4.11 -8.23 -3.79
N ALA A 42 -4.23 -7.25 -4.68
CA ALA A 42 -3.14 -6.88 -5.58
C ALA A 42 -1.86 -6.59 -4.80
N ALA A 43 -2.03 -6.06 -3.60
CA ALA A 43 -0.89 -5.71 -2.75
C ALA A 43 -0.47 -6.91 -1.90
N GLY A 44 -1.38 -7.86 -1.72
CA GLY A 44 -1.07 -9.04 -0.91
C GLY A 44 -1.82 -9.05 0.41
N CYS A 45 -2.98 -8.41 0.44
CA CYS A 45 -3.79 -8.36 1.65
C CYS A 45 -4.87 -9.45 1.63
N LEU A 46 -4.43 -10.70 1.69
CA LEU A 46 -5.34 -11.84 1.67
C LEU A 46 -5.88 -12.13 3.07
N TYR A 47 -4.98 -12.12 4.06
CA TYR A 47 -5.37 -12.38 5.43
C TYR A 47 -6.50 -11.46 5.88
N ASN A 48 -7.62 -12.06 6.27
CA ASN A 48 -8.77 -11.29 6.71
C ASN A 48 -9.55 -12.06 7.79
N SER A 49 -10.31 -13.06 7.37
CA SER A 49 -11.10 -13.86 8.30
C SER A 49 -11.98 -12.99 9.18
N THR A 50 -13.26 -12.88 8.81
CA THR A 50 -14.21 -12.08 9.56
C THR A 50 -13.76 -10.62 9.61
CA CA B . -3.84 2.11 1.11
N GLY A 1 3.80 15.54 7.96
CA GLY A 1 4.29 14.30 7.30
C GLY A 1 5.71 13.94 7.70
N SER A 2 6.12 12.70 7.40
CA SER A 2 7.45 12.24 7.73
C SER A 2 8.13 11.63 6.51
N GLU A 3 9.14 12.32 6.00
CA GLU A 3 9.89 11.85 4.84
C GLU A 3 10.92 10.79 5.24
N GLY A 4 10.42 9.68 5.79
CA GLY A 4 11.32 8.61 6.21
C GLY A 4 10.75 7.24 5.91
N LYS A 5 9.92 7.16 4.88
CA LYS A 5 9.30 5.90 4.49
C LYS A 5 9.01 5.86 3.00
N THR A 6 7.87 6.42 2.60
CA THR A 6 7.47 6.46 1.20
C THR A 6 7.55 5.07 0.55
N CYS A 7 8.70 4.73 -0.03
CA CYS A 7 8.88 3.43 -0.66
C CYS A 7 10.11 2.71 -0.09
N GLY A 8 10.53 3.13 1.10
CA GLY A 8 11.69 2.52 1.73
C GLY A 8 11.49 1.04 1.98
N PRO A 9 12.38 0.41 2.75
CA PRO A 9 12.29 -1.01 3.07
C PRO A 9 10.90 -1.40 3.56
N SER A 10 10.40 -2.55 3.08
CA SER A 10 9.08 -3.03 3.46
C SER A 10 7.98 -2.17 2.83
N SER A 11 8.27 -1.59 1.67
CA SER A 11 7.31 -0.75 0.97
C SER A 11 6.67 -1.51 -0.19
N PHE A 12 5.46 -1.11 -0.55
CA PHE A 12 4.74 -1.73 -1.65
C PHE A 12 4.53 -0.76 -2.80
N SER A 13 4.44 -1.29 -4.01
CA SER A 13 4.22 -0.47 -5.19
C SER A 13 2.90 -0.84 -5.87
N CYS A 14 2.02 0.14 -5.99
CA CYS A 14 0.71 -0.08 -6.61
C CYS A 14 0.88 -0.54 -8.06
N PRO A 15 0.01 -1.44 -8.52
CA PRO A 15 0.06 -1.97 -9.90
C PRO A 15 -0.43 -0.95 -10.92
N GLY A 16 0.29 -0.84 -12.03
CA GLY A 16 -0.09 0.09 -13.08
C GLY A 16 0.57 1.45 -12.93
N THR A 17 0.64 1.94 -11.70
CA THR A 17 1.26 3.24 -11.43
C THR A 17 2.55 3.07 -10.63
N HIS A 18 3.30 4.16 -10.49
CA HIS A 18 4.55 4.13 -9.74
C HIS A 18 4.37 4.66 -8.33
N VAL A 19 3.16 4.51 -7.79
CA VAL A 19 2.87 4.97 -6.43
C VAL A 19 3.16 3.87 -5.42
N CYS A 20 3.89 4.23 -4.37
CA CYS A 20 4.25 3.27 -3.32
C CYS A 20 3.47 3.55 -2.04
N VAL A 21 3.47 2.57 -1.13
CA VAL A 21 2.78 2.71 0.14
C VAL A 21 3.44 1.82 1.21
N PRO A 22 3.84 2.42 2.35
CA PRO A 22 4.48 1.68 3.44
C PRO A 22 3.58 0.57 3.97
N GLU A 23 4.20 -0.50 4.47
CA GLU A 23 3.46 -1.64 5.02
C GLU A 23 2.43 -1.16 6.05
N ARG A 24 2.82 -0.19 6.87
CA ARG A 24 1.93 0.35 7.89
C ARG A 24 0.70 0.99 7.23
N TRP A 25 0.88 1.46 6.00
CA TRP A 25 -0.20 2.09 5.26
C TRP A 25 -1.00 1.05 4.48
N LEU A 26 -0.36 -0.07 4.18
CA LEU A 26 -1.00 -1.15 3.44
C LEU A 26 -2.31 -1.56 4.10
N CYS A 27 -3.40 -1.53 3.32
CA CYS A 27 -4.73 -1.89 3.83
C CYS A 27 -4.94 -1.36 5.25
N ASP A 28 -4.82 -0.06 5.41
CA ASP A 28 -4.99 0.59 6.70
C ASP A 28 -6.33 1.32 6.79
N GLY A 29 -7.03 1.41 5.66
CA GLY A 29 -8.31 2.08 5.62
C GLY A 29 -8.33 3.27 4.68
N ASP A 30 -7.14 3.82 4.40
CA ASP A 30 -7.03 4.96 3.51
C ASP A 30 -6.44 4.54 2.16
N LYS A 31 -7.26 4.56 1.13
CA LYS A 31 -6.82 4.18 -0.21
C LYS A 31 -5.70 5.10 -0.70
N ASP A 32 -4.46 4.73 -0.37
CA ASP A 32 -3.30 5.52 -0.77
C ASP A 32 -2.92 5.21 -2.22
N CYS A 33 -3.18 3.99 -2.65
CA CYS A 33 -2.87 3.56 -4.01
C CYS A 33 -3.80 4.23 -5.02
N ALA A 34 -3.54 3.98 -6.30
CA ALA A 34 -4.36 4.56 -7.36
C ALA A 34 -5.76 3.97 -7.34
N ASP A 35 -5.84 2.63 -7.34
CA ASP A 35 -7.12 1.94 -7.31
C ASP A 35 -7.30 1.18 -6.01
N GLY A 36 -6.74 1.72 -4.93
CA GLY A 36 -6.86 1.07 -3.63
C GLY A 36 -6.19 -0.30 -3.61
N ALA A 37 -5.16 -0.47 -4.42
CA ALA A 37 -4.44 -1.74 -4.48
C ALA A 37 -3.89 -2.13 -3.12
N ASP A 38 -3.39 -1.15 -2.37
CA ASP A 38 -2.83 -1.41 -1.06
C ASP A 38 -3.89 -1.95 -0.11
N GLU A 39 -5.16 -1.65 -0.41
CA GLU A 39 -6.27 -2.10 0.42
C GLU A 39 -6.83 -3.43 -0.09
N SER A 40 -6.09 -4.09 -0.97
CA SER A 40 -6.53 -5.37 -1.53
C SER A 40 -5.42 -6.42 -1.42
N ILE A 41 -5.68 -7.60 -1.97
CA ILE A 41 -4.72 -8.68 -1.94
C ILE A 41 -3.55 -8.39 -2.88
N ALA A 42 -3.80 -7.59 -3.90
CA ALA A 42 -2.76 -7.24 -4.87
C ALA A 42 -1.50 -6.73 -4.18
N ALA A 43 -1.66 -6.17 -2.98
CA ALA A 43 -0.54 -5.64 -2.22
C ALA A 43 0.02 -6.66 -1.23
N GLY A 44 -0.63 -7.82 -1.13
CA GLY A 44 -0.19 -8.84 -0.22
C GLY A 44 -0.58 -8.56 1.22
N CYS A 45 -1.75 -7.97 1.40
CA CYS A 45 -2.23 -7.65 2.74
C CYS A 45 -2.53 -8.91 3.53
N LEU A 46 -2.83 -10.00 2.82
CA LEU A 46 -3.13 -11.28 3.44
C LEU A 46 -4.47 -11.23 4.18
N TYR A 47 -5.54 -11.06 3.43
CA TYR A 47 -6.88 -11.00 4.00
C TYR A 47 -7.92 -11.54 3.02
N ASN A 48 -8.55 -12.65 3.38
CA ASN A 48 -9.57 -13.26 2.53
C ASN A 48 -10.69 -12.27 2.21
N SER A 49 -11.38 -11.82 3.25
CA SER A 49 -12.47 -10.87 3.08
C SER A 49 -12.81 -10.18 4.39
N THR A 50 -13.33 -8.97 4.30
CA THR A 50 -13.70 -8.19 5.48
C THR A 50 -14.73 -7.12 5.14
CA CA B . -4.06 1.69 2.17
N GLY A 1 10.77 14.37 3.00
CA GLY A 1 9.88 13.64 3.94
C GLY A 1 10.41 13.65 5.35
N SER A 2 10.22 12.53 6.06
CA SER A 2 10.68 12.41 7.43
C SER A 2 11.59 11.20 7.61
N GLU A 3 10.98 10.02 7.62
CA GLU A 3 11.72 8.77 7.77
C GLU A 3 10.90 7.58 7.29
N GLY A 4 10.03 7.82 6.31
CA GLY A 4 9.21 6.75 5.77
C GLY A 4 7.73 7.09 5.81
N LYS A 5 7.34 8.13 5.09
CA LYS A 5 5.95 8.55 5.04
C LYS A 5 5.28 8.09 3.75
N THR A 6 5.81 8.56 2.62
CA THR A 6 5.28 8.19 1.32
C THR A 6 5.50 6.71 1.04
N CYS A 7 6.75 6.29 1.15
CA CYS A 7 7.12 4.90 0.91
C CYS A 7 8.34 4.50 1.74
N GLY A 8 8.17 4.43 3.05
CA GLY A 8 9.26 4.08 3.94
C GLY A 8 9.85 2.72 3.62
N PRO A 9 10.57 2.11 4.59
CA PRO A 9 11.18 0.79 4.40
C PRO A 9 10.15 -0.28 4.08
N SER A 10 10.49 -1.16 3.14
CA SER A 10 9.60 -2.24 2.74
C SER A 10 8.28 -1.69 2.21
N SER A 11 8.37 -0.69 1.33
CA SER A 11 7.18 -0.09 0.74
C SER A 11 6.66 -0.93 -0.42
N PHE A 12 5.34 -1.03 -0.51
CA PHE A 12 4.71 -1.80 -1.59
C PHE A 12 4.44 -0.91 -2.79
N SER A 13 4.40 -1.51 -3.97
CA SER A 13 4.15 -0.76 -5.21
C SER A 13 2.79 -1.13 -5.78
N CYS A 14 1.97 -0.11 -6.03
CA CYS A 14 0.64 -0.32 -6.59
C CYS A 14 0.73 -0.72 -8.05
N PRO A 15 -0.13 -1.66 -8.49
CA PRO A 15 -0.13 -2.14 -9.88
C PRO A 15 -0.81 -1.14 -10.83
N GLY A 16 -0.20 -0.94 -11.99
CA GLY A 16 -0.76 -0.02 -12.96
C GLY A 16 -0.49 1.44 -12.62
N THR A 17 0.64 1.69 -11.98
CA THR A 17 1.02 3.05 -11.59
C THR A 17 2.36 3.06 -10.85
N HIS A 18 2.97 4.23 -10.76
CA HIS A 18 4.25 4.37 -10.08
C HIS A 18 4.06 4.88 -8.65
N VAL A 19 3.03 4.36 -7.98
CA VAL A 19 2.75 4.75 -6.60
C VAL A 19 3.01 3.59 -5.64
N CYS A 20 3.66 3.89 -4.53
CA CYS A 20 3.97 2.88 -3.53
C CYS A 20 3.39 3.24 -2.17
N VAL A 21 3.18 2.23 -1.33
CA VAL A 21 2.60 2.45 0.00
C VAL A 21 3.38 1.66 1.05
N PRO A 22 3.73 2.30 2.18
CA PRO A 22 4.46 1.65 3.27
C PRO A 22 3.67 0.51 3.89
N GLU A 23 4.38 -0.50 4.41
CA GLU A 23 3.73 -1.65 5.03
C GLU A 23 2.74 -1.20 6.10
N ARG A 24 3.05 -0.08 6.75
CA ARG A 24 2.18 0.46 7.78
C ARG A 24 0.89 1.00 7.17
N TRP A 25 0.98 1.43 5.91
CA TRP A 25 -0.17 1.96 5.19
C TRP A 25 -0.84 0.88 4.35
N LEU A 26 -0.36 -0.35 4.47
CA LEU A 26 -0.92 -1.46 3.71
C LEU A 26 -2.24 -1.93 4.31
N CYS A 27 -3.31 -1.82 3.51
CA CYS A 27 -4.65 -2.21 3.93
C CYS A 27 -4.93 -1.82 5.38
N ASP A 28 -5.04 -0.52 5.63
CA ASP A 28 -5.30 0.00 6.97
C ASP A 28 -6.64 0.73 7.04
N GLY A 29 -7.21 1.03 5.87
CA GLY A 29 -8.49 1.72 5.83
C GLY A 29 -8.40 3.07 5.13
N ASP A 30 -7.53 3.16 4.13
CA ASP A 30 -7.36 4.40 3.37
C ASP A 30 -6.76 4.11 2.00
N LYS A 31 -7.63 3.92 1.01
CA LYS A 31 -7.17 3.63 -0.35
C LYS A 31 -6.19 4.68 -0.84
N ASP A 32 -4.90 4.41 -0.63
CA ASP A 32 -3.84 5.33 -1.06
C ASP A 32 -3.34 4.96 -2.44
N CYS A 33 -3.40 3.67 -2.76
CA CYS A 33 -2.94 3.17 -4.05
C CYS A 33 -3.83 3.71 -5.18
N ALA A 34 -3.58 3.25 -6.39
CA ALA A 34 -4.37 3.69 -7.55
C ALA A 34 -5.77 3.11 -7.50
N ASP A 35 -5.86 1.78 -7.41
CA ASP A 35 -7.15 1.11 -7.36
C ASP A 35 -7.32 0.38 -6.04
N GLY A 36 -6.85 1.00 -4.96
CA GLY A 36 -6.97 0.39 -3.64
C GLY A 36 -6.20 -0.91 -3.54
N ALA A 37 -5.10 -1.01 -4.28
CA ALA A 37 -4.26 -2.20 -4.27
C ALA A 37 -3.81 -2.55 -2.86
N ASP A 38 -3.31 -1.55 -2.15
CA ASP A 38 -2.84 -1.75 -0.78
C ASP A 38 -3.95 -2.30 0.10
N GLU A 39 -5.19 -1.99 -0.26
CA GLU A 39 -6.35 -2.46 0.50
C GLU A 39 -6.83 -3.83 0.02
N SER A 40 -6.04 -4.45 -0.87
CA SER A 40 -6.40 -5.76 -1.40
C SER A 40 -5.23 -6.73 -1.28
N ILE A 41 -5.49 -8.00 -1.57
CA ILE A 41 -4.46 -9.03 -1.50
C ILE A 41 -3.32 -8.71 -2.47
N ALA A 42 -3.63 -7.94 -3.50
CA ALA A 42 -2.63 -7.56 -4.51
C ALA A 42 -1.37 -7.01 -3.84
N ALA A 43 -1.54 -6.42 -2.66
CA ALA A 43 -0.43 -5.85 -1.92
C ALA A 43 0.20 -6.88 -0.97
N GLY A 44 -0.55 -7.93 -0.65
CA GLY A 44 -0.04 -8.96 0.24
C GLY A 44 -0.76 -9.01 1.57
N CYS A 45 -1.90 -8.31 1.67
CA CYS A 45 -2.67 -8.30 2.90
C CYS A 45 -3.18 -9.71 3.22
N LEU A 46 -3.46 -10.47 2.17
CA LEU A 46 -3.94 -11.84 2.31
C LEU A 46 -5.33 -11.93 2.94
N TYR A 47 -5.40 -11.88 4.27
CA TYR A 47 -6.67 -11.97 4.98
C TYR A 47 -7.74 -11.06 4.38
N ASN A 48 -8.69 -11.68 3.68
CA ASN A 48 -9.80 -10.98 3.03
C ASN A 48 -9.43 -9.54 2.62
N SER A 49 -9.67 -8.58 3.52
CA SER A 49 -9.37 -7.19 3.23
C SER A 49 -10.08 -6.70 1.98
N THR A 50 -11.21 -7.34 1.66
CA THR A 50 -11.98 -6.98 0.49
C THR A 50 -11.15 -7.10 -0.78
CA CA B . -4.33 2.11 3.29
N GLY A 1 6.19 13.82 5.52
CA GLY A 1 7.28 14.67 6.04
C GLY A 1 7.79 14.20 7.40
N SER A 2 8.53 13.09 7.39
CA SER A 2 9.07 12.53 8.63
C SER A 2 10.16 11.51 8.33
N GLU A 3 11.36 11.99 8.04
CA GLU A 3 12.49 11.13 7.73
C GLU A 3 12.19 10.26 6.51
N GLY A 4 11.38 10.78 5.60
CA GLY A 4 11.03 10.04 4.41
C GLY A 4 10.18 8.82 4.70
N LYS A 5 8.88 9.03 4.86
CA LYS A 5 7.96 7.93 5.15
C LYS A 5 7.10 7.61 3.93
N THR A 6 7.69 7.72 2.75
CA THR A 6 6.98 7.43 1.51
C THR A 6 7.16 5.98 1.09
N CYS A 7 8.37 5.45 1.29
CA CYS A 7 8.67 4.07 0.93
C CYS A 7 9.76 3.50 1.83
N GLY A 8 9.39 3.20 3.07
CA GLY A 8 10.36 2.64 4.01
C GLY A 8 10.97 1.34 3.51
N PRO A 9 11.61 0.56 4.41
CA PRO A 9 12.23 -0.71 4.06
C PRO A 9 11.25 -1.67 3.39
N SER A 10 9.96 -1.47 3.66
CA SER A 10 8.92 -2.32 3.09
C SER A 10 7.90 -1.48 2.33
N SER A 11 8.21 -1.15 1.09
CA SER A 11 7.31 -0.35 0.26
C SER A 11 6.67 -1.20 -0.82
N PHE A 12 5.35 -1.05 -0.97
CA PHE A 12 4.60 -1.80 -1.98
C PHE A 12 4.26 -0.90 -3.15
N SER A 13 4.14 -1.51 -4.33
CA SER A 13 3.82 -0.77 -5.54
C SER A 13 2.44 -1.16 -6.06
N CYS A 14 1.59 -0.15 -6.30
CA CYS A 14 0.24 -0.40 -6.79
C CYS A 14 0.28 -0.90 -8.23
N PRO A 15 -0.53 -1.94 -8.55
CA PRO A 15 -0.57 -2.52 -9.90
C PRO A 15 -1.21 -1.58 -10.91
N GLY A 16 -0.64 -1.54 -12.11
CA GLY A 16 -1.17 -0.68 -13.15
C GLY A 16 -0.51 0.69 -13.18
N THR A 17 -0.31 1.26 -12.00
CA THR A 17 0.32 2.58 -11.90
C THR A 17 1.69 2.49 -11.25
N HIS A 18 2.42 3.60 -11.26
CA HIS A 18 3.75 3.64 -10.67
C HIS A 18 3.75 4.37 -9.32
N VAL A 19 2.90 3.91 -8.42
CA VAL A 19 2.80 4.52 -7.08
C VAL A 19 3.27 3.53 -6.02
N CYS A 20 3.95 4.06 -5.00
CA CYS A 20 4.47 3.24 -3.91
C CYS A 20 3.74 3.54 -2.60
N VAL A 21 3.72 2.56 -1.71
CA VAL A 21 3.06 2.71 -0.41
C VAL A 21 3.82 1.94 0.68
N PRO A 22 4.11 2.60 1.82
CA PRO A 22 4.82 1.96 2.92
C PRO A 22 3.96 0.93 3.64
N GLU A 23 4.60 -0.13 4.13
CA GLU A 23 3.90 -1.19 4.84
C GLU A 23 2.94 -0.62 5.89
N ARG A 24 3.39 0.44 6.56
CA ARG A 24 2.57 1.09 7.59
C ARG A 24 1.23 1.56 7.00
N TRP A 25 1.24 1.86 5.71
CA TRP A 25 0.04 2.33 5.02
C TRP A 25 -0.67 1.17 4.32
N LEU A 26 0.05 0.08 4.09
CA LEU A 26 -0.51 -1.09 3.43
C LEU A 26 -1.77 -1.57 4.14
N CYS A 27 -2.88 -1.63 3.39
CA CYS A 27 -4.18 -2.06 3.95
C CYS A 27 -4.37 -1.56 5.38
N ASP A 28 -4.31 -0.24 5.54
CA ASP A 28 -4.47 0.38 6.86
C ASP A 28 -5.86 1.01 7.00
N GLY A 29 -6.60 1.07 5.89
CA GLY A 29 -7.93 1.66 5.93
C GLY A 29 -8.05 2.85 5.01
N ASP A 30 -6.93 3.51 4.73
CA ASP A 30 -6.93 4.67 3.84
C ASP A 30 -6.38 4.31 2.47
N LYS A 31 -7.20 4.53 1.43
CA LYS A 31 -6.79 4.22 0.07
C LYS A 31 -5.54 5.01 -0.33
N ASP A 32 -4.38 4.49 0.02
CA ASP A 32 -3.12 5.14 -0.32
C ASP A 32 -2.74 4.86 -1.76
N CYS A 33 -3.16 3.69 -2.25
CA CYS A 33 -2.89 3.28 -3.62
C CYS A 33 -3.83 4.01 -4.58
N ALA A 34 -3.41 4.12 -5.84
CA ALA A 34 -4.23 4.79 -6.84
C ALA A 34 -5.60 4.14 -6.95
N ASP A 35 -5.64 2.82 -6.75
CA ASP A 35 -6.89 2.07 -6.81
C ASP A 35 -7.10 1.29 -5.51
N GLY A 36 -6.58 1.82 -4.41
CA GLY A 36 -6.73 1.16 -3.12
C GLY A 36 -6.17 -0.26 -3.13
N ALA A 37 -5.26 -0.54 -4.05
CA ALA A 37 -4.66 -1.87 -4.16
C ALA A 37 -4.11 -2.33 -2.82
N ASP A 38 -3.44 -1.41 -2.12
CA ASP A 38 -2.87 -1.73 -0.81
C ASP A 38 -3.94 -2.22 0.16
N GLU A 39 -5.20 -1.86 -0.13
CA GLU A 39 -6.32 -2.27 0.71
C GLU A 39 -6.89 -3.61 0.25
N SER A 40 -6.16 -4.29 -0.65
CA SER A 40 -6.61 -5.58 -1.16
C SER A 40 -5.50 -6.62 -1.07
N ILE A 41 -5.68 -7.74 -1.76
CA ILE A 41 -4.70 -8.81 -1.76
C ILE A 41 -3.51 -8.45 -2.66
N ALA A 42 -3.73 -7.55 -3.61
CA ALA A 42 -2.68 -7.13 -4.53
C ALA A 42 -1.41 -6.74 -3.76
N ALA A 43 -1.59 -6.19 -2.57
CA ALA A 43 -0.46 -5.77 -1.74
C ALA A 43 0.09 -6.94 -0.94
N GLY A 44 -0.75 -7.94 -0.71
CA GLY A 44 -0.32 -9.11 0.04
C GLY A 44 -0.86 -9.14 1.45
N CYS A 45 -1.99 -8.48 1.66
CA CYS A 45 -2.60 -8.43 2.98
C CYS A 45 -3.39 -9.72 3.26
N LEU A 46 -4.28 -10.07 2.33
CA LEU A 46 -5.07 -11.28 2.46
C LEU A 46 -5.84 -11.30 3.79
N TYR A 47 -6.92 -10.53 3.84
CA TYR A 47 -7.74 -10.47 5.05
C TYR A 47 -9.00 -9.63 4.82
N ASN A 48 -9.56 -9.74 3.61
CA ASN A 48 -10.75 -8.99 3.25
C ASN A 48 -11.36 -9.51 1.95
N SER A 49 -12.68 -9.66 1.94
CA SER A 49 -13.38 -10.16 0.76
C SER A 49 -13.08 -11.63 0.50
N THR A 50 -12.43 -12.29 1.46
CA THR A 50 -12.08 -13.70 1.33
C THR A 50 -11.49 -14.00 -0.04
CA CA B . -4.07 1.33 2.37
N GLY A 1 12.09 8.49 11.66
CA GLY A 1 11.88 9.46 10.55
C GLY A 1 10.43 9.87 10.41
N SER A 2 10.18 11.17 10.25
CA SER A 2 8.83 11.69 10.10
C SER A 2 8.79 12.81 9.07
N GLU A 3 9.03 12.47 7.82
CA GLU A 3 9.02 13.44 6.74
C GLU A 3 9.24 12.77 5.39
N GLY A 4 10.20 11.85 5.34
CA GLY A 4 10.49 11.14 4.11
C GLY A 4 10.21 9.65 4.22
N LYS A 5 9.08 9.32 4.85
CA LYS A 5 8.68 7.93 5.02
C LYS A 5 8.20 7.32 3.70
N THR A 6 7.89 8.17 2.74
CA THR A 6 7.41 7.71 1.44
C THR A 6 8.34 6.65 0.85
N CYS A 7 7.75 5.54 0.41
CA CYS A 7 8.52 4.44 -0.16
C CYS A 7 9.61 3.98 0.80
N GLY A 8 10.52 3.15 0.30
CA GLY A 8 11.60 2.65 1.14
C GLY A 8 11.57 1.15 1.29
N PRO A 9 12.35 0.60 2.24
CA PRO A 9 12.41 -0.84 2.49
C PRO A 9 11.02 -1.45 2.69
N SER A 10 10.21 -0.80 3.52
CA SER A 10 8.86 -1.27 3.79
C SER A 10 7.84 -0.54 2.91
N SER A 11 8.06 -0.58 1.60
CA SER A 11 7.17 0.08 0.65
C SER A 11 6.63 -0.90 -0.38
N PHE A 12 5.39 -0.66 -0.81
CA PHE A 12 4.77 -1.52 -1.81
C PHE A 12 4.58 -0.75 -3.12
N SER A 13 4.63 -1.48 -4.23
CA SER A 13 4.46 -0.86 -5.54
C SER A 13 3.15 -1.31 -6.19
N CYS A 14 2.21 -0.38 -6.30
CA CYS A 14 0.91 -0.67 -6.89
C CYS A 14 1.06 -1.23 -8.30
N PRO A 15 0.12 -2.11 -8.72
CA PRO A 15 0.14 -2.72 -10.05
C PRO A 15 -0.11 -1.71 -11.17
N GLY A 16 0.73 -1.73 -12.19
CA GLY A 16 0.58 -0.82 -13.30
C GLY A 16 0.73 0.63 -12.89
N THR A 17 1.68 0.90 -11.99
CA THR A 17 1.91 2.26 -11.51
C THR A 17 3.12 2.30 -10.59
N HIS A 18 3.74 3.48 -10.48
CA HIS A 18 4.90 3.65 -9.61
C HIS A 18 4.49 4.13 -8.22
N VAL A 19 3.21 4.42 -8.04
CA VAL A 19 2.70 4.88 -6.75
C VAL A 19 3.06 3.89 -5.64
N CYS A 20 3.88 4.34 -4.70
CA CYS A 20 4.30 3.49 -3.59
C CYS A 20 3.45 3.77 -2.35
N VAL A 21 3.49 2.86 -1.39
CA VAL A 21 2.73 3.00 -0.16
C VAL A 21 3.35 2.20 0.98
N PRO A 22 3.68 2.87 2.11
CA PRO A 22 4.29 2.19 3.26
C PRO A 22 3.41 1.07 3.81
N GLU A 23 4.04 0.04 4.36
CA GLU A 23 3.31 -1.09 4.91
C GLU A 23 2.23 -0.62 5.89
N ARG A 24 2.56 0.40 6.67
CA ARG A 24 1.62 0.96 7.63
C ARG A 24 0.35 1.43 6.94
N TRP A 25 0.49 1.81 5.67
CA TRP A 25 -0.64 2.28 4.87
C TRP A 25 -1.29 1.11 4.12
N LEU A 26 -0.51 0.06 3.87
CA LEU A 26 -1.00 -1.11 3.15
C LEU A 26 -2.26 -1.65 3.81
N CYS A 27 -3.33 -1.74 3.03
CA CYS A 27 -4.62 -2.24 3.52
C CYS A 27 -4.88 -1.77 4.96
N ASP A 28 -4.93 -0.45 5.13
CA ASP A 28 -5.16 0.14 6.44
C ASP A 28 -6.59 0.66 6.57
N GLY A 29 -7.28 0.76 5.44
CA GLY A 29 -8.65 1.25 5.44
C GLY A 29 -8.82 2.54 4.66
N ASP A 30 -7.91 2.80 3.74
CA ASP A 30 -7.96 4.01 2.92
C ASP A 30 -7.38 3.75 1.54
N LYS A 31 -8.23 3.82 0.53
CA LYS A 31 -7.80 3.58 -0.86
C LYS A 31 -6.76 4.62 -1.29
N ASP A 32 -5.50 4.38 -0.94
CA ASP A 32 -4.43 5.28 -1.31
C ASP A 32 -4.01 5.04 -2.75
N CYS A 33 -4.19 3.81 -3.20
CA CYS A 33 -3.85 3.43 -4.57
C CYS A 33 -4.93 3.88 -5.55
N ALA A 34 -4.59 3.92 -6.83
CA ALA A 34 -5.53 4.33 -7.86
C ALA A 34 -6.76 3.40 -7.86
N ASP A 35 -6.52 2.12 -7.63
CA ASP A 35 -7.59 1.13 -7.60
C ASP A 35 -7.62 0.42 -6.25
N GLY A 36 -7.18 1.09 -5.20
CA GLY A 36 -7.17 0.51 -3.88
C GLY A 36 -6.33 -0.76 -3.81
N ALA A 37 -5.38 -0.89 -4.73
CA ALA A 37 -4.50 -2.06 -4.77
C ALA A 37 -3.93 -2.37 -3.38
N ASP A 38 -3.48 -1.33 -2.69
CA ASP A 38 -2.91 -1.49 -1.35
C ASP A 38 -3.93 -2.11 -0.40
N GLU A 39 -5.21 -1.95 -0.72
CA GLU A 39 -6.28 -2.50 0.11
C GLU A 39 -6.67 -3.91 -0.32
N SER A 40 -5.84 -4.53 -1.16
CA SER A 40 -6.11 -5.88 -1.66
C SER A 40 -4.90 -6.79 -1.45
N ILE A 41 -5.10 -8.08 -1.68
CA ILE A 41 -4.02 -9.05 -1.53
C ILE A 41 -2.86 -8.73 -2.48
N ALA A 42 -3.17 -8.05 -3.57
CA ALA A 42 -2.17 -7.66 -4.55
C ALA A 42 -1.00 -6.94 -3.89
N ALA A 43 -1.27 -6.32 -2.75
CA ALA A 43 -0.25 -5.57 -2.02
C ALA A 43 0.41 -6.44 -0.95
N GLY A 44 0.19 -7.75 -1.03
CA GLY A 44 0.78 -8.65 -0.05
C GLY A 44 -0.15 -8.92 1.11
N CYS A 45 -1.24 -8.16 1.20
CA CYS A 45 -2.20 -8.33 2.29
C CYS A 45 -2.91 -9.68 2.14
N LEU A 46 -3.58 -10.11 3.21
CA LEU A 46 -4.29 -11.38 3.19
C LEU A 46 -5.60 -11.28 3.95
N TYR A 47 -5.51 -10.93 5.23
CA TYR A 47 -6.70 -10.79 6.07
C TYR A 47 -7.72 -9.85 5.43
N ASN A 48 -8.65 -10.42 4.67
CA ASN A 48 -9.69 -9.63 4.00
C ASN A 48 -10.91 -9.47 4.88
N SER A 49 -11.92 -8.77 4.37
CA SER A 49 -13.15 -8.54 5.11
C SER A 49 -14.35 -9.05 4.33
N THR A 50 -14.38 -8.75 3.03
CA THR A 50 -15.48 -9.19 2.18
C THR A 50 -15.60 -10.71 2.17
CA CA B . -4.43 1.37 1.82
N GLY A 1 -0.13 12.57 8.91
CA GLY A 1 1.14 12.94 9.60
C GLY A 1 2.20 11.86 9.50
N SER A 2 3.30 12.17 8.82
CA SER A 2 4.38 11.22 8.65
C SER A 2 5.59 11.88 7.97
N GLU A 3 5.40 12.24 6.70
CA GLU A 3 6.48 12.88 5.95
C GLU A 3 7.70 11.97 5.86
N GLY A 4 7.95 11.45 4.66
CA GLY A 4 9.09 10.56 4.47
C GLY A 4 8.67 9.12 4.27
N LYS A 5 9.58 8.20 4.60
CA LYS A 5 9.31 6.77 4.47
C LYS A 5 9.17 6.38 3.00
N THR A 6 8.01 6.73 2.41
CA THR A 6 7.73 6.41 1.01
C THR A 6 7.97 4.94 0.70
N CYS A 7 9.22 4.58 0.39
CA CYS A 7 9.56 3.20 0.10
C CYS A 7 10.53 2.64 1.13
N GLY A 8 10.04 2.46 2.35
CA GLY A 8 10.88 1.94 3.41
C GLY A 8 11.46 0.58 3.07
N PRO A 9 11.99 -0.15 4.07
CA PRO A 9 12.58 -1.47 3.87
C PRO A 9 11.64 -2.41 3.13
N SER A 10 10.34 -2.14 3.22
CA SER A 10 9.33 -2.96 2.56
C SER A 10 8.27 -2.09 1.91
N SER A 11 8.51 -1.69 0.67
CA SER A 11 7.56 -0.85 -0.06
C SER A 11 6.81 -1.66 -1.12
N PHE A 12 5.67 -1.13 -1.55
CA PHE A 12 4.86 -1.80 -2.56
C PHE A 12 4.45 -0.81 -3.65
N SER A 13 4.53 -1.25 -4.90
CA SER A 13 4.18 -0.42 -6.03
C SER A 13 2.84 -0.85 -6.63
N CYS A 14 1.87 0.04 -6.58
CA CYS A 14 0.53 -0.24 -7.11
C CYS A 14 0.62 -0.81 -8.53
N PRO A 15 -0.22 -1.83 -8.84
CA PRO A 15 -0.24 -2.47 -10.16
C PRO A 15 -0.37 -1.44 -11.28
N GLY A 16 0.46 -1.59 -12.32
CA GLY A 16 0.42 -0.66 -13.44
C GLY A 16 0.62 0.77 -13.01
N THR A 17 1.28 0.96 -11.86
CA THR A 17 1.52 2.29 -11.33
C THR A 17 2.92 2.37 -10.71
N HIS A 18 3.55 3.54 -10.82
CA HIS A 18 4.87 3.75 -10.26
C HIS A 18 4.81 4.27 -8.83
N VAL A 19 3.60 4.43 -8.31
CA VAL A 19 3.41 4.92 -6.95
C VAL A 19 4.04 3.98 -5.93
N CYS A 20 4.36 4.51 -4.76
CA CYS A 20 4.98 3.72 -3.70
C CYS A 20 4.14 3.76 -2.42
N VAL A 21 4.31 2.74 -1.59
CA VAL A 21 3.57 2.66 -0.33
C VAL A 21 4.27 1.71 0.66
N PRO A 22 4.70 2.23 1.82
CA PRO A 22 5.37 1.42 2.84
C PRO A 22 4.48 0.29 3.35
N GLU A 23 5.09 -0.85 3.66
CA GLU A 23 4.34 -2.00 4.15
C GLU A 23 3.37 -1.60 5.26
N ARG A 24 3.77 -0.63 6.08
CA ARG A 24 2.93 -0.16 7.17
C ARG A 24 1.61 0.39 6.62
N TRP A 25 1.66 0.95 5.43
CA TRP A 25 0.49 1.51 4.78
C TRP A 25 -0.24 0.44 3.96
N LEU A 26 0.47 -0.62 3.60
CA LEU A 26 -0.09 -1.70 2.82
C LEU A 26 -1.28 -2.34 3.54
N CYS A 27 -2.47 -2.18 2.98
CA CYS A 27 -3.68 -2.74 3.56
C CYS A 27 -3.76 -2.42 5.05
N ASP A 28 -3.70 -1.13 5.37
CA ASP A 28 -3.77 -0.68 6.76
C ASP A 28 -5.14 -0.10 7.09
N GLY A 29 -5.92 0.19 6.06
CA GLY A 29 -7.25 0.75 6.26
C GLY A 29 -7.41 2.13 5.65
N ASP A 30 -6.66 2.38 4.57
CA ASP A 30 -6.73 3.66 3.89
C ASP A 30 -6.35 3.51 2.42
N LYS A 31 -7.28 3.81 1.53
CA LYS A 31 -7.04 3.69 0.10
C LYS A 31 -5.93 4.64 -0.35
N ASP A 32 -4.69 4.21 -0.16
CA ASP A 32 -3.54 5.02 -0.56
C ASP A 32 -3.26 4.83 -2.05
N CYS A 33 -3.68 3.68 -2.57
CA CYS A 33 -3.49 3.37 -3.99
C CYS A 33 -4.56 4.05 -4.83
N ALA A 34 -4.35 4.05 -6.14
CA ALA A 34 -5.31 4.66 -7.05
C ALA A 34 -6.63 3.91 -7.00
N ASP A 35 -6.55 2.59 -6.86
CA ASP A 35 -7.73 1.75 -6.79
C ASP A 35 -7.69 0.90 -5.51
N GLY A 36 -7.13 1.47 -4.45
CA GLY A 36 -7.05 0.76 -3.18
C GLY A 36 -6.32 -0.56 -3.30
N ALA A 37 -5.46 -0.68 -4.31
CA ALA A 37 -4.71 -1.91 -4.53
C ALA A 37 -4.02 -2.36 -3.24
N ASP A 38 -3.41 -1.41 -2.54
CA ASP A 38 -2.72 -1.70 -1.29
C ASP A 38 -3.68 -2.31 -0.28
N GLU A 39 -4.97 -2.05 -0.45
CA GLU A 39 -5.99 -2.56 0.45
C GLU A 39 -6.53 -3.91 -0.04
N SER A 40 -5.85 -4.51 -1.01
CA SER A 40 -6.27 -5.79 -1.56
C SER A 40 -5.13 -6.79 -1.55
N ILE A 41 -5.43 -8.05 -1.85
CA ILE A 41 -4.42 -9.10 -1.87
C ILE A 41 -3.32 -8.77 -2.87
N ALA A 42 -3.64 -7.92 -3.85
CA ALA A 42 -2.66 -7.53 -4.87
C ALA A 42 -1.38 -7.02 -4.22
N ALA A 43 -1.52 -6.36 -3.08
CA ALA A 43 -0.37 -5.82 -2.36
C ALA A 43 0.24 -6.87 -1.45
N GLY A 44 -0.55 -7.88 -1.08
CA GLY A 44 -0.06 -8.93 -0.22
C GLY A 44 -0.69 -8.90 1.16
N CYS A 45 -1.92 -8.41 1.24
CA CYS A 45 -2.64 -8.32 2.52
C CYS A 45 -3.21 -9.68 2.91
N LEU A 46 -3.54 -10.49 1.90
CA LEU A 46 -4.10 -11.82 2.13
C LEU A 46 -5.52 -11.73 2.66
N TYR A 47 -5.68 -11.21 3.87
CA TYR A 47 -7.00 -11.08 4.48
C TYR A 47 -7.70 -9.80 4.02
N ASN A 48 -8.94 -9.62 4.46
CA ASN A 48 -9.71 -8.44 4.09
C ASN A 48 -9.75 -7.43 5.24
N SER A 49 -9.85 -6.16 4.90
CA SER A 49 -9.90 -5.10 5.90
C SER A 49 -10.73 -3.91 5.40
N THR A 50 -11.73 -4.20 4.58
CA THR A 50 -12.60 -3.18 4.03
C THR A 50 -13.64 -2.73 5.06
CA CA B . -3.90 0.70 2.40
N GLY A 1 4.73 12.01 6.70
CA GLY A 1 4.46 12.75 7.97
C GLY A 1 5.73 13.21 8.64
N SER A 2 6.67 12.29 8.82
CA SER A 2 7.95 12.61 9.45
C SER A 2 9.10 12.48 8.47
N GLU A 3 9.45 11.24 8.14
CA GLU A 3 10.53 10.96 7.21
C GLU A 3 9.98 10.41 5.90
N GLY A 4 10.85 9.76 5.12
CA GLY A 4 10.41 9.19 3.86
C GLY A 4 9.39 8.08 4.05
N LYS A 5 8.14 8.47 4.30
CA LYS A 5 7.07 7.51 4.51
C LYS A 5 6.50 7.01 3.18
N THR A 6 7.07 7.48 2.07
CA THR A 6 6.61 7.07 0.75
C THR A 6 6.73 5.56 0.58
N CYS A 7 7.96 5.09 0.39
CA CYS A 7 8.21 3.67 0.22
C CYS A 7 8.86 3.08 1.47
N GLY A 8 10.09 3.49 1.75
CA GLY A 8 10.80 2.99 2.91
C GLY A 8 11.34 1.60 2.70
N PRO A 9 11.99 1.02 3.73
CA PRO A 9 12.56 -0.34 3.64
C PRO A 9 11.53 -1.38 3.25
N SER A 10 10.34 -1.29 3.86
CA SER A 10 9.27 -2.22 3.57
C SER A 10 8.11 -1.51 2.87
N SER A 11 8.16 -1.49 1.53
CA SER A 11 7.12 -0.84 0.74
C SER A 11 6.59 -1.77 -0.35
N PHE A 12 5.43 -1.42 -0.90
CA PHE A 12 4.82 -2.21 -1.96
C PHE A 12 4.70 -1.37 -3.23
N SER A 13 4.70 -2.05 -4.38
CA SER A 13 4.59 -1.38 -5.66
C SER A 13 3.23 -1.65 -6.28
N CYS A 14 2.41 -0.61 -6.37
CA CYS A 14 1.07 -0.73 -6.94
C CYS A 14 1.13 -1.21 -8.39
N PRO A 15 0.11 -1.95 -8.83
CA PRO A 15 0.03 -2.48 -10.19
C PRO A 15 -0.38 -1.43 -11.21
N GLY A 16 0.35 -1.37 -12.32
CA GLY A 16 0.05 -0.40 -13.37
C GLY A 16 0.17 1.04 -12.90
N THR A 17 1.18 1.32 -12.09
CA THR A 17 1.39 2.66 -11.57
C THR A 17 2.67 2.74 -10.73
N HIS A 18 3.23 3.93 -10.63
CA HIS A 18 4.45 4.14 -9.86
C HIS A 18 4.13 4.73 -8.48
N VAL A 19 3.18 4.12 -7.79
CA VAL A 19 2.77 4.58 -6.46
C VAL A 19 3.01 3.48 -5.43
N CYS A 20 3.95 3.74 -4.52
CA CYS A 20 4.27 2.77 -3.48
C CYS A 20 3.55 3.09 -2.17
N VAL A 21 3.52 2.11 -1.27
CA VAL A 21 2.86 2.28 0.02
C VAL A 21 3.51 1.39 1.07
N PRO A 22 3.84 1.95 2.25
CA PRO A 22 4.46 1.19 3.34
C PRO A 22 3.58 0.03 3.79
N GLU A 23 4.20 -1.06 4.24
CA GLU A 23 3.46 -2.23 4.69
C GLU A 23 2.42 -1.83 5.75
N ARG A 24 2.81 -0.96 6.67
CA ARG A 24 1.90 -0.50 7.71
C ARG A 24 0.71 0.24 7.09
N TRP A 25 0.90 0.76 5.89
CA TRP A 25 -0.14 1.48 5.17
C TRP A 25 -1.00 0.51 4.36
N LEU A 26 -0.37 -0.57 3.89
CA LEU A 26 -1.05 -1.59 3.09
C LEU A 26 -2.39 -1.95 3.71
N CYS A 27 -3.47 -1.76 2.94
CA CYS A 27 -4.83 -2.06 3.39
C CYS A 27 -5.02 -1.66 4.86
N ASP A 28 -4.85 -0.36 5.14
CA ASP A 28 -4.99 0.16 6.48
C ASP A 28 -6.29 0.95 6.64
N GLY A 29 -6.91 1.30 5.51
CA GLY A 29 -8.15 2.04 5.55
C GLY A 29 -8.05 3.39 4.85
N ASP A 30 -6.97 3.60 4.11
CA ASP A 30 -6.76 4.85 3.40
C ASP A 30 -6.23 4.59 1.99
N LYS A 31 -7.10 4.73 0.99
CA LYS A 31 -6.71 4.50 -0.39
C LYS A 31 -5.57 5.41 -0.81
N ASP A 32 -4.34 4.98 -0.55
CA ASP A 32 -3.17 5.77 -0.92
C ASP A 32 -2.83 5.54 -2.39
N CYS A 33 -3.18 4.35 -2.88
CA CYS A 33 -2.92 3.99 -4.26
C CYS A 33 -3.94 4.65 -5.19
N ALA A 34 -3.62 4.71 -6.48
CA ALA A 34 -4.51 5.30 -7.46
C ALA A 34 -5.85 4.58 -7.48
N ASP A 35 -5.81 3.26 -7.34
CA ASP A 35 -7.02 2.45 -7.33
C ASP A 35 -7.12 1.64 -6.05
N GLY A 36 -6.56 2.15 -4.96
CA GLY A 36 -6.60 1.47 -3.70
C GLY A 36 -5.99 0.08 -3.75
N ALA A 37 -5.05 -0.12 -4.68
CA ALA A 37 -4.39 -1.41 -4.83
C ALA A 37 -3.88 -1.94 -3.49
N ASP A 38 -3.26 -1.07 -2.71
CA ASP A 38 -2.73 -1.47 -1.41
C ASP A 38 -3.84 -2.00 -0.51
N GLU A 39 -5.07 -1.58 -0.78
CA GLU A 39 -6.21 -2.03 0.01
C GLU A 39 -6.81 -3.32 -0.56
N SER A 40 -6.09 -3.96 -1.49
CA SER A 40 -6.57 -5.19 -2.10
C SER A 40 -5.50 -6.28 -2.03
N ILE A 41 -5.90 -7.51 -2.35
CA ILE A 41 -4.98 -8.64 -2.32
C ILE A 41 -3.81 -8.41 -3.28
N ALA A 42 -4.02 -7.59 -4.30
CA ALA A 42 -2.99 -7.29 -5.28
C ALA A 42 -1.70 -6.84 -4.59
N ALA A 43 -1.84 -6.26 -3.40
CA ALA A 43 -0.69 -5.79 -2.65
C ALA A 43 -0.20 -6.82 -1.65
N GLY A 44 -0.68 -8.05 -1.78
CA GLY A 44 -0.28 -9.12 -0.88
C GLY A 44 -0.93 -9.00 0.48
N CYS A 45 -2.03 -8.26 0.55
CA CYS A 45 -2.75 -8.07 1.81
C CYS A 45 -3.53 -9.34 2.17
N LEU A 46 -2.87 -10.25 2.87
CA LEU A 46 -3.49 -11.50 3.28
C LEU A 46 -3.83 -11.50 4.76
N TYR A 47 -4.75 -10.61 5.15
CA TYR A 47 -5.16 -10.51 6.54
C TYR A 47 -6.27 -9.46 6.70
N ASN A 48 -7.24 -9.49 5.78
CA ASN A 48 -8.34 -8.55 5.82
C ASN A 48 -9.68 -9.29 5.80
N SER A 49 -10.77 -8.53 5.71
CA SER A 49 -12.10 -9.12 5.68
C SER A 49 -12.38 -9.76 4.32
N THR A 50 -13.52 -10.45 4.22
CA THR A 50 -13.91 -11.10 2.97
C THR A 50 -14.24 -10.08 1.89
CA CA B . -2.91 2.63 2.31
N GLY A 1 5.58 9.87 9.62
CA GLY A 1 4.79 11.13 9.63
C GLY A 1 5.60 12.32 9.15
N SER A 2 6.91 12.27 9.35
CA SER A 2 7.80 13.35 8.93
C SER A 2 8.54 12.99 7.65
N GLU A 3 9.41 13.88 7.20
CA GLU A 3 10.19 13.67 5.99
C GLU A 3 9.31 13.17 4.84
N GLY A 4 9.94 12.74 3.76
CA GLY A 4 9.20 12.24 2.62
C GLY A 4 8.40 10.99 2.94
N LYS A 5 9.06 10.02 3.57
CA LYS A 5 8.40 8.77 3.94
C LYS A 5 7.85 8.06 2.71
N THR A 6 7.01 7.05 2.94
CA THR A 6 6.40 6.28 1.86
C THR A 6 7.45 5.48 1.10
N CYS A 7 7.11 4.24 0.78
CA CYS A 7 8.01 3.35 0.04
C CYS A 7 9.26 3.04 0.87
N GLY A 8 9.04 2.70 2.14
CA GLY A 8 10.16 2.37 3.02
C GLY A 8 11.00 1.23 2.49
N PRO A 9 11.96 0.73 3.28
CA PRO A 9 12.82 -0.38 2.89
C PRO A 9 12.03 -1.60 2.44
N SER A 10 10.90 -1.82 3.10
CA SER A 10 10.04 -2.95 2.77
C SER A 10 8.62 -2.48 2.47
N SER A 11 8.47 -1.79 1.34
CA SER A 11 7.18 -1.26 0.94
C SER A 11 6.59 -2.04 -0.24
N PHE A 12 5.40 -1.66 -0.66
CA PHE A 12 4.73 -2.31 -1.78
C PHE A 12 4.60 -1.36 -2.96
N SER A 13 4.53 -1.93 -4.16
CA SER A 13 4.40 -1.14 -5.38
C SER A 13 3.06 -1.39 -6.04
N CYS A 14 2.22 -0.36 -6.09
CA CYS A 14 0.90 -0.49 -6.71
C CYS A 14 1.02 -0.88 -8.18
N PRO A 15 0.09 -1.73 -8.66
CA PRO A 15 0.10 -2.19 -10.05
C PRO A 15 -0.43 -1.13 -11.03
N GLY A 16 0.26 -1.01 -12.16
CA GLY A 16 -0.16 -0.04 -13.16
C GLY A 16 0.53 1.32 -13.00
N THR A 17 0.61 1.79 -11.76
CA THR A 17 1.24 3.07 -11.48
C THR A 17 2.56 2.88 -10.73
N HIS A 18 3.33 3.96 -10.63
CA HIS A 18 4.62 3.92 -9.94
C HIS A 18 4.50 4.42 -8.50
N VAL A 19 3.40 4.07 -7.85
CA VAL A 19 3.17 4.47 -6.47
C VAL A 19 3.38 3.28 -5.53
N CYS A 20 3.92 3.58 -4.34
CA CYS A 20 4.18 2.54 -3.35
C CYS A 20 3.54 2.90 -2.01
N VAL A 21 3.36 1.89 -1.16
CA VAL A 21 2.75 2.09 0.15
C VAL A 21 3.40 1.17 1.19
N PRO A 22 3.79 1.73 2.36
CA PRO A 22 4.41 0.94 3.43
C PRO A 22 3.50 -0.17 3.92
N GLU A 23 4.09 -1.28 4.38
CA GLU A 23 3.32 -2.41 4.89
C GLU A 23 2.32 -1.95 5.94
N ARG A 24 2.74 -1.03 6.80
CA ARG A 24 1.87 -0.50 7.84
C ARG A 24 0.65 0.17 7.24
N TRP A 25 0.81 0.68 6.01
CA TRP A 25 -0.27 1.35 5.31
C TRP A 25 -1.06 0.38 4.45
N LEU A 26 -0.42 -0.74 4.10
CA LEU A 26 -1.06 -1.76 3.26
C LEU A 26 -2.42 -2.17 3.84
N CYS A 27 -3.46 -2.01 3.03
CA CYS A 27 -4.83 -2.35 3.45
C CYS A 27 -5.09 -1.94 4.90
N ASP A 28 -4.90 -0.66 5.19
CA ASP A 28 -5.11 -0.13 6.53
C ASP A 28 -6.41 0.66 6.61
N GLY A 29 -7.06 0.88 5.47
CA GLY A 29 -8.30 1.61 5.44
C GLY A 29 -8.22 2.87 4.59
N ASP A 30 -7.01 3.36 4.37
CA ASP A 30 -6.80 4.56 3.58
C ASP A 30 -6.18 4.20 2.22
N LYS A 31 -6.98 4.31 1.16
CA LYS A 31 -6.52 4.00 -0.19
C LYS A 31 -5.30 4.84 -0.54
N ASP A 32 -4.11 4.26 -0.39
CA ASP A 32 -2.87 4.95 -0.71
C ASP A 32 -2.49 4.74 -2.17
N CYS A 33 -2.87 3.60 -2.72
CA CYS A 33 -2.57 3.27 -4.11
C CYS A 33 -3.48 4.04 -5.05
N ALA A 34 -3.25 3.89 -6.35
CA ALA A 34 -4.05 4.57 -7.36
C ALA A 34 -5.49 4.08 -7.34
N ASP A 35 -5.66 2.78 -7.49
CA ASP A 35 -6.99 2.17 -7.48
C ASP A 35 -7.23 1.38 -6.21
N GLY A 36 -6.64 1.85 -5.11
CA GLY A 36 -6.79 1.16 -3.83
C GLY A 36 -6.22 -0.24 -3.85
N ALA A 37 -5.16 -0.44 -4.64
CA ALA A 37 -4.52 -1.74 -4.74
C ALA A 37 -4.04 -2.22 -3.38
N ASP A 38 -3.51 -1.29 -2.58
CA ASP A 38 -3.01 -1.64 -1.25
C ASP A 38 -4.13 -2.18 -0.37
N GLU A 39 -5.37 -1.85 -0.70
CA GLU A 39 -6.52 -2.32 0.06
C GLU A 39 -7.04 -3.66 -0.47
N SER A 40 -6.26 -4.27 -1.36
CA SER A 40 -6.65 -5.56 -1.94
C SER A 40 -5.51 -6.58 -1.81
N ILE A 41 -5.84 -7.85 -2.00
CA ILE A 41 -4.85 -8.91 -1.90
C ILE A 41 -3.70 -8.68 -2.88
N ALA A 42 -3.97 -7.93 -3.94
CA ALA A 42 -2.95 -7.63 -4.95
C ALA A 42 -1.68 -7.09 -4.30
N ALA A 43 -1.85 -6.41 -3.18
CA ALA A 43 -0.72 -5.83 -2.46
C ALA A 43 -0.08 -6.83 -1.50
N GLY A 44 -0.85 -7.86 -1.13
CA GLY A 44 -0.34 -8.87 -0.23
C GLY A 44 -0.89 -8.71 1.18
N CYS A 45 -2.12 -8.20 1.28
CA CYS A 45 -2.75 -8.01 2.57
C CYS A 45 -2.96 -9.34 3.28
N LEU A 46 -2.95 -10.43 2.51
CA LEU A 46 -3.13 -11.76 3.07
C LEU A 46 -4.57 -11.99 3.52
N TYR A 47 -4.98 -11.31 4.59
CA TYR A 47 -6.33 -11.46 5.11
C TYR A 47 -7.32 -10.62 4.31
N ASN A 48 -8.58 -11.03 4.34
CA ASN A 48 -9.64 -10.34 3.60
C ASN A 48 -9.54 -8.82 3.76
N SER A 49 -9.83 -8.33 4.95
CA SER A 49 -9.77 -6.90 5.23
C SER A 49 -10.87 -6.16 4.47
N THR A 50 -11.98 -6.85 4.21
CA THR A 50 -13.10 -6.26 3.49
C THR A 50 -14.38 -7.03 3.76
CA CA B . -4.23 1.18 2.26
N GLY A 1 5.61 12.79 9.29
CA GLY A 1 5.05 13.03 7.93
C GLY A 1 6.05 12.77 6.83
N SER A 2 7.33 12.91 7.16
CA SER A 2 8.40 12.68 6.18
C SER A 2 9.47 11.75 6.76
N GLU A 3 10.63 11.73 6.11
CA GLU A 3 11.74 10.87 6.55
C GLU A 3 11.38 9.40 6.37
N GLY A 4 11.26 8.97 5.12
CA GLY A 4 10.93 7.60 4.84
C GLY A 4 9.48 7.27 5.13
N LYS A 5 8.57 8.10 4.61
CA LYS A 5 7.14 7.89 4.81
C LYS A 5 6.45 7.50 3.50
N THR A 6 7.02 7.96 2.38
CA THR A 6 6.44 7.65 1.08
C THR A 6 6.83 6.25 0.62
N CYS A 7 8.02 6.12 0.04
CA CYS A 7 8.49 4.82 -0.44
C CYS A 7 9.73 4.38 0.34
N GLY A 8 9.61 4.36 1.67
CA GLY A 8 10.73 3.95 2.51
C GLY A 8 11.25 2.58 2.14
N PRO A 9 12.33 2.12 2.80
CA PRO A 9 12.93 0.81 2.54
C PRO A 9 11.91 -0.31 2.59
N SER A 10 10.82 -0.09 3.34
CA SER A 10 9.77 -1.08 3.47
C SER A 10 8.44 -0.53 2.95
N SER A 11 8.43 -0.14 1.67
CA SER A 11 7.24 0.40 1.05
C SER A 11 6.79 -0.46 -0.12
N PHE A 12 5.46 -0.59 -0.27
CA PHE A 12 4.90 -1.39 -1.36
C PHE A 12 4.62 -0.52 -2.58
N SER A 13 4.66 -1.13 -3.75
CA SER A 13 4.41 -0.42 -5.00
C SER A 13 3.15 -0.95 -5.67
N CYS A 14 2.20 -0.05 -5.94
CA CYS A 14 0.95 -0.44 -6.57
C CYS A 14 1.18 -0.85 -8.02
N PRO A 15 0.43 -1.84 -8.52
CA PRO A 15 0.55 -2.33 -9.89
C PRO A 15 -0.03 -1.35 -10.92
N GLY A 16 0.57 -1.32 -12.10
CA GLY A 16 0.11 -0.44 -13.15
C GLY A 16 0.16 1.03 -12.75
N THR A 17 1.21 1.41 -12.04
CA THR A 17 1.38 2.79 -11.60
C THR A 17 2.68 2.95 -10.80
N HIS A 18 3.04 4.19 -10.53
CA HIS A 18 4.26 4.48 -9.77
C HIS A 18 3.93 5.02 -8.38
N VAL A 19 2.85 4.50 -7.79
CA VAL A 19 2.44 4.93 -6.46
C VAL A 19 2.88 3.91 -5.41
N CYS A 20 3.59 4.38 -4.39
CA CYS A 20 4.07 3.50 -3.33
C CYS A 20 3.25 3.68 -2.05
N VAL A 21 3.38 2.72 -1.14
CA VAL A 21 2.66 2.76 0.13
C VAL A 21 3.39 1.94 1.19
N PRO A 22 3.75 2.56 2.33
CA PRO A 22 4.45 1.86 3.41
C PRO A 22 3.66 0.67 3.93
N GLU A 23 4.37 -0.35 4.40
CA GLU A 23 3.73 -1.55 4.92
C GLU A 23 2.70 -1.19 5.99
N ARG A 24 2.96 -0.10 6.70
CA ARG A 24 2.05 0.36 7.74
C ARG A 24 0.75 0.88 7.13
N TRP A 25 0.83 1.31 5.86
CA TRP A 25 -0.33 1.82 5.15
C TRP A 25 -0.92 0.74 4.22
N LEU A 26 -0.48 -0.50 4.41
CA LEU A 26 -0.97 -1.61 3.60
C LEU A 26 -2.20 -2.24 4.23
N CYS A 27 -3.30 -2.24 3.50
CA CYS A 27 -4.56 -2.81 3.98
C CYS A 27 -4.86 -2.31 5.40
N ASP A 28 -5.21 -1.02 5.50
CA ASP A 28 -5.51 -0.41 6.80
C ASP A 28 -6.80 0.40 6.75
N GLY A 29 -7.61 0.15 5.73
CA GLY A 29 -8.87 0.87 5.59
C GLY A 29 -8.75 2.12 4.75
N ASP A 30 -7.53 2.64 4.64
CA ASP A 30 -7.29 3.85 3.86
C ASP A 30 -6.60 3.52 2.53
N LYS A 31 -7.38 3.44 1.46
CA LYS A 31 -6.85 3.12 0.15
C LYS A 31 -5.81 4.15 -0.28
N ASP A 32 -4.54 3.80 -0.12
CA ASP A 32 -3.44 4.67 -0.49
C ASP A 32 -3.06 4.47 -1.96
N CYS A 33 -3.25 3.26 -2.44
CA CYS A 33 -2.92 2.92 -3.82
C CYS A 33 -3.91 3.59 -4.78
N ALA A 34 -3.60 3.50 -6.07
CA ALA A 34 -4.46 4.10 -7.10
C ALA A 34 -5.82 3.41 -7.14
N ASP A 35 -5.81 2.09 -7.10
CA ASP A 35 -7.04 1.30 -7.14
C ASP A 35 -7.16 0.44 -5.88
N GLY A 36 -6.59 0.92 -4.78
CA GLY A 36 -6.64 0.18 -3.54
C GLY A 36 -5.91 -1.14 -3.60
N ALA A 37 -4.86 -1.19 -4.41
CA ALA A 37 -4.06 -2.40 -4.56
C ALA A 37 -3.50 -2.86 -3.22
N ASP A 38 -3.13 -1.89 -2.38
CA ASP A 38 -2.58 -2.20 -1.06
C ASP A 38 -3.61 -2.93 -0.21
N GLU A 39 -4.89 -2.67 -0.47
CA GLU A 39 -5.97 -3.30 0.28
C GLU A 39 -6.44 -4.58 -0.41
N SER A 40 -5.63 -5.10 -1.34
CA SER A 40 -5.98 -6.32 -2.07
C SER A 40 -4.82 -7.30 -2.04
N ILE A 41 -4.96 -8.38 -2.82
CA ILE A 41 -3.93 -9.41 -2.89
C ILE A 41 -2.70 -8.88 -3.63
N ALA A 42 -2.91 -7.89 -4.50
CA ALA A 42 -1.81 -7.31 -5.26
C ALA A 42 -0.66 -6.89 -4.36
N ALA A 43 -0.98 -6.54 -3.12
CA ALA A 43 0.03 -6.12 -2.16
C ALA A 43 0.51 -7.30 -1.32
N GLY A 44 -0.28 -8.36 -1.28
CA GLY A 44 0.09 -9.54 -0.51
C GLY A 44 -0.76 -9.71 0.73
N CYS A 45 -1.93 -9.09 0.74
CA CYS A 45 -2.84 -9.19 1.89
C CYS A 45 -3.84 -10.31 1.68
N LEU A 46 -3.80 -11.30 2.57
CA LEU A 46 -4.72 -12.44 2.49
C LEU A 46 -5.71 -12.45 3.65
N TYR A 47 -6.62 -11.48 3.65
CA TYR A 47 -7.63 -11.38 4.70
C TYR A 47 -8.53 -10.18 4.48
N ASN A 48 -8.95 -9.98 3.23
CA ASN A 48 -9.83 -8.87 2.88
C ASN A 48 -11.18 -9.01 3.56
N SER A 49 -11.73 -7.89 4.02
CA SER A 49 -13.03 -7.88 4.69
C SER A 49 -13.83 -6.64 4.30
N THR A 50 -13.33 -5.47 4.67
CA THR A 50 -14.00 -4.21 4.36
C THR A 50 -13.02 -3.05 4.42
CA CA B . -4.39 0.75 2.61
N GLY A 1 7.02 19.95 5.19
CA GLY A 1 6.75 18.77 4.33
C GLY A 1 6.70 17.48 5.12
N SER A 2 7.38 17.46 6.26
CA SER A 2 7.42 16.29 7.12
C SER A 2 8.11 15.10 6.42
N GLU A 3 8.83 15.40 5.35
CA GLU A 3 9.53 14.36 4.59
C GLU A 3 8.56 13.28 4.11
N GLY A 4 9.03 12.46 3.18
CA GLY A 4 8.19 11.39 2.65
C GLY A 4 8.27 10.13 3.48
N LYS A 5 7.12 9.57 3.82
CA LYS A 5 7.06 8.35 4.62
C LYS A 5 6.77 7.13 3.75
N THR A 6 6.11 7.36 2.61
CA THR A 6 5.78 6.28 1.71
C THR A 6 7.02 5.50 1.30
N CYS A 7 6.83 4.22 0.99
CA CYS A 7 7.95 3.35 0.59
C CYS A 7 8.96 3.22 1.73
N GLY A 8 10.15 2.72 1.39
CA GLY A 8 11.19 2.55 2.39
C GLY A 8 11.60 1.10 2.54
N PRO A 9 12.39 0.77 3.59
CA PRO A 9 12.85 -0.59 3.85
C PRO A 9 11.70 -1.59 3.84
N SER A 10 11.71 -2.50 2.88
CA SER A 10 10.66 -3.51 2.76
C SER A 10 9.33 -2.84 2.43
N SER A 11 9.32 -2.06 1.35
CA SER A 11 8.11 -1.35 0.93
C SER A 11 7.40 -2.10 -0.21
N PHE A 12 6.11 -1.84 -0.35
CA PHE A 12 5.30 -2.47 -1.38
C PHE A 12 5.17 -1.54 -2.58
N SER A 13 4.96 -2.13 -3.76
CA SER A 13 4.82 -1.35 -4.98
C SER A 13 3.44 -1.56 -5.60
N CYS A 14 2.64 -0.50 -5.63
CA CYS A 14 1.30 -0.58 -6.19
C CYS A 14 1.34 -0.86 -7.69
N PRO A 15 0.50 -1.80 -8.17
CA PRO A 15 0.45 -2.17 -9.59
C PRO A 15 -0.18 -1.07 -10.46
N GLY A 16 0.55 -0.65 -11.49
CA GLY A 16 0.04 0.38 -12.37
C GLY A 16 0.32 1.79 -11.89
N THR A 17 1.48 1.98 -11.26
CA THR A 17 1.87 3.30 -10.75
C THR A 17 3.21 3.24 -10.05
N HIS A 18 3.84 4.40 -9.89
CA HIS A 18 5.14 4.48 -9.23
C HIS A 18 4.98 4.87 -7.76
N VAL A 19 3.95 4.33 -7.12
CA VAL A 19 3.69 4.62 -5.71
C VAL A 19 3.88 3.37 -4.86
N CYS A 20 4.72 3.49 -3.83
CA CYS A 20 5.00 2.36 -2.94
C CYS A 20 4.57 2.67 -1.51
N VAL A 21 4.28 1.62 -0.75
CA VAL A 21 3.85 1.77 0.64
C VAL A 21 4.45 0.66 1.52
N PRO A 22 4.96 1.03 2.71
CA PRO A 22 5.55 0.06 3.64
C PRO A 22 4.53 -0.96 4.15
N GLU A 23 4.99 -2.18 4.41
CA GLU A 23 4.12 -3.25 4.91
C GLU A 23 3.30 -2.78 6.11
N ARG A 24 3.92 -1.96 6.96
CA ARG A 24 3.24 -1.44 8.14
C ARG A 24 2.00 -0.65 7.75
N TRP A 25 2.00 -0.12 6.53
CA TRP A 25 0.88 0.66 6.03
C TRP A 25 -0.03 -0.19 5.14
N LEU A 26 0.49 -1.32 4.66
CA LEU A 26 -0.26 -2.22 3.80
C LEU A 26 -1.60 -2.60 4.44
N CYS A 27 -2.69 -2.28 3.73
CA CYS A 27 -4.03 -2.59 4.23
C CYS A 27 -4.21 -2.09 5.67
N ASP A 28 -3.95 -0.81 5.87
CA ASP A 28 -4.08 -0.20 7.19
C ASP A 28 -5.33 0.66 7.29
N GLY A 29 -5.98 0.90 6.15
CA GLY A 29 -7.18 1.72 6.14
C GLY A 29 -7.03 2.97 5.29
N ASP A 30 -5.79 3.40 5.09
CA ASP A 30 -5.51 4.59 4.30
C ASP A 30 -5.01 4.21 2.91
N LYS A 31 -5.86 4.43 1.90
CA LYS A 31 -5.51 4.12 0.52
C LYS A 31 -4.24 4.86 0.09
N ASP A 32 -3.09 4.25 0.32
CA ASP A 32 -1.82 4.86 -0.05
C ASP A 32 -1.70 4.98 -1.56
N CYS A 33 -2.35 4.06 -2.27
CA CYS A 33 -2.32 4.06 -3.73
C CYS A 33 -3.55 4.75 -4.31
N ALA A 34 -3.45 5.19 -5.55
CA ALA A 34 -4.55 5.86 -6.23
C ALA A 34 -5.78 4.95 -6.28
N ASP A 35 -5.55 3.65 -6.40
CA ASP A 35 -6.63 2.68 -6.44
C ASP A 35 -6.72 1.88 -5.14
N GLY A 36 -5.81 2.15 -4.22
CA GLY A 36 -5.81 1.46 -2.94
C GLY A 36 -5.40 0.00 -3.06
N ALA A 37 -4.53 -0.30 -4.02
CA ALA A 37 -4.06 -1.67 -4.22
C ALA A 37 -3.49 -2.23 -2.93
N ASP A 38 -2.78 -1.39 -2.18
CA ASP A 38 -2.19 -1.79 -0.91
C ASP A 38 -3.26 -2.29 0.06
N GLU A 39 -4.47 -1.76 -0.09
CA GLU A 39 -5.58 -2.15 0.77
C GLU A 39 -6.43 -3.23 0.10
N SER A 40 -5.87 -3.87 -0.93
CA SER A 40 -6.58 -4.92 -1.65
C SER A 40 -5.74 -6.19 -1.75
N ILE A 41 -6.15 -7.10 -2.62
CA ILE A 41 -5.44 -8.35 -2.82
C ILE A 41 -4.18 -8.15 -3.66
N ALA A 42 -4.20 -7.13 -4.51
CA ALA A 42 -3.07 -6.82 -5.37
C ALA A 42 -1.79 -6.71 -4.57
N ALA A 43 -1.91 -6.24 -3.33
CA ALA A 43 -0.76 -6.09 -2.45
C ALA A 43 -0.38 -7.40 -1.78
N GLY A 44 -1.35 -8.31 -1.70
CA GLY A 44 -1.11 -9.61 -1.09
C GLY A 44 -1.79 -9.76 0.26
N CYS A 45 -2.86 -9.00 0.47
CA CYS A 45 -3.60 -9.06 1.72
C CYS A 45 -4.72 -10.10 1.65
N LEU A 46 -5.17 -10.39 0.43
CA LEU A 46 -6.23 -11.38 0.22
C LEU A 46 -7.57 -10.87 0.73
N TYR A 47 -7.65 -10.63 2.04
CA TYR A 47 -8.88 -10.16 2.66
C TYR A 47 -9.99 -11.19 2.53
N ASN A 48 -10.86 -11.24 3.53
CA ASN A 48 -11.98 -12.19 3.54
C ASN A 48 -13.15 -11.65 4.33
N SER A 49 -14.22 -11.28 3.60
CA SER A 49 -15.42 -10.74 4.24
C SER A 49 -16.59 -10.74 3.26
N THR A 50 -17.64 -11.47 3.61
CA THR A 50 -18.82 -11.55 2.77
C THR A 50 -18.49 -12.17 1.41
CA CA B . -2.55 1.30 2.75
N GLY A 1 7.66 9.82 11.54
CA GLY A 1 8.93 10.31 10.96
C GLY A 1 8.70 11.33 9.86
N SER A 2 7.89 10.95 8.86
CA SER A 2 7.59 11.84 7.74
C SER A 2 8.86 12.21 6.99
N GLU A 3 8.69 12.89 5.86
CA GLU A 3 9.81 13.30 5.03
C GLU A 3 10.63 12.09 4.57
N GLY A 4 9.93 11.08 4.05
CA GLY A 4 10.59 9.88 3.59
C GLY A 4 9.69 8.67 3.67
N LYS A 5 8.44 8.82 3.26
CA LYS A 5 7.47 7.73 3.28
C LYS A 5 7.16 7.25 1.86
N THR A 6 5.91 6.84 1.62
CA THR A 6 5.50 6.35 0.31
C THR A 6 6.18 5.02 -0.01
N CYS A 7 7.49 5.04 -0.17
CA CYS A 7 8.25 3.83 -0.48
C CYS A 7 9.56 3.80 0.30
N GLY A 8 10.08 2.60 0.53
CA GLY A 8 11.33 2.46 1.26
C GLY A 8 11.72 1.02 1.47
N PRO A 9 12.72 0.75 2.32
CA PRO A 9 13.19 -0.61 2.59
C PRO A 9 12.05 -1.55 2.96
N SER A 10 10.96 -0.98 3.46
CA SER A 10 9.79 -1.77 3.85
C SER A 10 8.50 -1.10 3.39
N SER A 11 8.24 -1.15 2.09
CA SER A 11 7.05 -0.55 1.52
C SER A 11 6.51 -1.38 0.35
N PHE A 12 5.41 -0.93 -0.21
CA PHE A 12 4.78 -1.63 -1.33
C PHE A 12 4.48 -0.65 -2.47
N SER A 13 4.47 -1.17 -3.70
CA SER A 13 4.19 -0.34 -4.87
C SER A 13 2.90 -0.82 -5.55
N CYS A 14 1.99 0.12 -5.78
CA CYS A 14 0.72 -0.20 -6.43
C CYS A 14 0.94 -0.66 -7.86
N PRO A 15 0.18 -1.67 -8.32
CA PRO A 15 0.30 -2.19 -9.68
C PRO A 15 -0.28 -1.23 -10.73
N GLY A 16 0.29 -1.27 -11.92
CA GLY A 16 -0.18 -0.41 -12.99
C GLY A 16 0.00 1.07 -12.67
N THR A 17 1.11 1.41 -12.02
CA THR A 17 1.40 2.78 -11.65
C THR A 17 2.75 2.90 -10.96
N HIS A 18 3.14 4.13 -10.66
CA HIS A 18 4.42 4.38 -10.00
C HIS A 18 4.20 4.93 -8.59
N VAL A 19 3.14 4.47 -7.95
CA VAL A 19 2.82 4.92 -6.59
C VAL A 19 3.23 3.86 -5.56
N CYS A 20 3.75 4.33 -4.44
CA CYS A 20 4.19 3.43 -3.37
C CYS A 20 3.40 3.69 -2.08
N VAL A 21 3.46 2.73 -1.17
CA VAL A 21 2.74 2.85 0.10
C VAL A 21 3.51 2.17 1.24
N PRO A 22 3.78 2.90 2.33
CA PRO A 22 4.50 2.35 3.49
C PRO A 22 3.74 1.19 4.13
N GLU A 23 4.48 0.24 4.70
CA GLU A 23 3.87 -0.91 5.34
C GLU A 23 2.79 -0.48 6.34
N ARG A 24 3.05 0.61 7.06
CA ARG A 24 2.09 1.12 8.04
C ARG A 24 0.78 1.48 7.36
N TRP A 25 0.87 1.86 6.08
CA TRP A 25 -0.30 2.23 5.30
C TRP A 25 -0.92 0.99 4.64
N LEU A 26 -0.10 -0.03 4.42
CA LEU A 26 -0.56 -1.27 3.80
C LEU A 26 -1.74 -1.85 4.54
N CYS A 27 -2.91 -1.85 3.90
CA CYS A 27 -4.12 -2.39 4.50
C CYS A 27 -4.38 -1.74 5.86
N ASP A 28 -4.58 -0.43 5.85
CA ASP A 28 -4.83 0.32 7.08
C ASP A 28 -6.28 0.75 7.18
N GLY A 29 -7.05 0.50 6.13
CA GLY A 29 -8.45 0.87 6.13
C GLY A 29 -8.79 1.84 5.00
N ASP A 30 -7.81 2.62 4.59
CA ASP A 30 -8.01 3.59 3.51
C ASP A 30 -7.45 3.04 2.21
N LYS A 31 -7.62 3.81 1.13
CA LYS A 31 -7.12 3.40 -0.18
C LYS A 31 -6.11 4.39 -0.73
N ASP A 32 -4.85 4.22 -0.35
CA ASP A 32 -3.78 5.11 -0.80
C ASP A 32 -3.41 4.81 -2.25
N CYS A 33 -3.54 3.55 -2.63
CA CYS A 33 -3.21 3.11 -3.99
C CYS A 33 -4.24 3.64 -4.99
N ALA A 34 -4.03 3.35 -6.27
CA ALA A 34 -4.95 3.79 -7.31
C ALA A 34 -6.23 2.99 -7.29
N ASP A 35 -6.10 1.67 -7.13
CA ASP A 35 -7.25 0.78 -7.09
C ASP A 35 -7.31 0.03 -5.76
N GLY A 36 -6.89 0.68 -4.69
CA GLY A 36 -6.90 0.06 -3.38
C GLY A 36 -6.03 -1.19 -3.32
N ALA A 37 -4.96 -1.20 -4.12
CA ALA A 37 -4.05 -2.33 -4.16
C ALA A 37 -3.51 -2.66 -2.78
N ASP A 38 -3.14 -1.63 -2.03
CA ASP A 38 -2.60 -1.80 -0.68
C ASP A 38 -3.60 -2.55 0.20
N GLU A 39 -4.89 -2.35 -0.06
CA GLU A 39 -5.94 -3.00 0.69
C GLU A 39 -6.40 -4.28 -0.01
N SER A 40 -5.59 -4.79 -0.91
CA SER A 40 -5.92 -6.01 -1.64
C SER A 40 -4.76 -7.00 -1.62
N ILE A 41 -4.85 -8.03 -2.47
CA ILE A 41 -3.81 -9.04 -2.55
C ILE A 41 -2.56 -8.49 -3.22
N ALA A 42 -2.75 -7.52 -4.12
CA ALA A 42 -1.63 -6.91 -4.83
C ALA A 42 -0.53 -6.49 -3.86
N ALA A 43 -0.93 -6.06 -2.67
CA ALA A 43 0.03 -5.63 -1.66
C ALA A 43 0.59 -6.81 -0.89
N GLY A 44 -0.15 -7.91 -0.87
CA GLY A 44 0.29 -9.10 -0.16
C GLY A 44 -0.22 -9.17 1.26
N CYS A 45 -1.49 -8.81 1.46
CA CYS A 45 -2.09 -8.84 2.79
C CYS A 45 -2.82 -10.15 3.02
N LEU A 46 -3.63 -10.55 2.04
CA LEU A 46 -4.38 -11.80 2.14
C LEU A 46 -5.42 -11.74 3.26
N TYR A 47 -6.05 -10.58 3.42
CA TYR A 47 -7.07 -10.40 4.45
C TYR A 47 -7.69 -9.01 4.36
N ASN A 48 -9.01 -8.97 4.13
CA ASN A 48 -9.74 -7.72 4.02
C ASN A 48 -11.23 -7.97 3.80
N SER A 49 -11.54 -8.79 2.80
CA SER A 49 -12.92 -9.12 2.49
C SER A 49 -13.70 -7.86 2.09
N THR A 50 -14.74 -8.05 1.29
CA THR A 50 -15.57 -6.94 0.85
C THR A 50 -16.28 -6.28 2.02
CA CA B . -4.25 2.04 2.95
N GLY A 1 4.39 14.55 10.30
CA GLY A 1 5.52 13.74 10.85
C GLY A 1 6.54 13.39 9.77
N SER A 2 6.07 13.25 8.54
CA SER A 2 6.96 12.92 7.42
C SER A 2 6.18 12.90 6.11
N GLU A 3 6.90 13.06 5.00
CA GLU A 3 6.28 13.06 3.69
C GLU A 3 5.56 11.74 3.42
N GLY A 4 6.09 10.66 3.99
CA GLY A 4 5.48 9.36 3.81
C GLY A 4 6.48 8.29 3.42
N LYS A 5 6.58 7.25 4.23
CA LYS A 5 7.51 6.15 3.95
C LYS A 5 7.18 5.49 2.62
N THR A 6 7.69 6.05 1.53
CA THR A 6 7.44 5.50 0.19
C THR A 6 7.75 4.01 0.13
N CYS A 7 8.98 3.65 -0.22
CA CYS A 7 9.36 2.25 -0.32
C CYS A 7 10.21 1.84 0.87
N GLY A 8 9.69 2.05 2.07
CA GLY A 8 10.41 1.68 3.28
C GLY A 8 10.75 0.21 3.32
N PRO A 9 11.11 -0.33 4.50
CA PRO A 9 11.44 -1.74 4.65
C PRO A 9 10.34 -2.65 4.12
N SER A 10 10.67 -3.44 3.09
CA SER A 10 9.70 -4.35 2.48
C SER A 10 8.42 -3.61 2.12
N SER A 11 8.54 -2.61 1.26
CA SER A 11 7.40 -1.81 0.82
C SER A 11 6.80 -2.35 -0.48
N PHE A 12 5.57 -1.96 -0.76
CA PHE A 12 4.89 -2.38 -1.98
C PHE A 12 4.71 -1.21 -2.93
N SER A 13 4.76 -1.49 -4.23
CA SER A 13 4.61 -0.45 -5.24
C SER A 13 3.28 -0.59 -5.97
N CYS A 14 2.45 0.45 -5.89
CA CYS A 14 1.14 0.45 -6.53
C CYS A 14 1.29 0.24 -8.04
N PRO A 15 0.52 -0.69 -8.62
CA PRO A 15 0.57 -0.99 -10.06
C PRO A 15 -0.05 0.14 -10.90
N GLY A 16 0.56 0.41 -12.05
CA GLY A 16 0.06 1.46 -12.92
C GLY A 16 0.73 2.80 -12.70
N THR A 17 0.90 3.16 -11.43
CA THR A 17 1.54 4.43 -11.09
C THR A 17 2.84 4.21 -10.32
N HIS A 18 3.59 5.29 -10.14
CA HIS A 18 4.87 5.22 -9.42
C HIS A 18 4.68 5.64 -7.97
N VAL A 19 3.59 5.20 -7.36
CA VAL A 19 3.30 5.51 -5.96
C VAL A 19 3.56 4.30 -5.07
N CYS A 20 4.56 4.42 -4.21
CA CYS A 20 4.93 3.34 -3.30
C CYS A 20 4.05 3.33 -2.06
N VAL A 21 4.05 2.20 -1.36
CA VAL A 21 3.26 2.05 -0.14
C VAL A 21 3.94 1.06 0.81
N PRO A 22 4.22 1.47 2.06
CA PRO A 22 4.85 0.61 3.05
C PRO A 22 3.90 -0.44 3.59
N GLU A 23 4.44 -1.53 4.13
CA GLU A 23 3.64 -2.60 4.68
C GLU A 23 2.67 -2.08 5.72
N ARG A 24 3.07 -1.02 6.43
CA ARG A 24 2.21 -0.42 7.44
C ARG A 24 1.02 0.28 6.80
N TRP A 25 1.17 0.65 5.53
CA TRP A 25 0.09 1.31 4.79
C TRP A 25 -0.63 0.32 3.87
N LEU A 26 -0.30 -0.96 4.02
CA LEU A 26 -0.92 -2.00 3.21
C LEU A 26 -2.28 -2.38 3.78
N CYS A 27 -3.33 -2.15 2.98
CA CYS A 27 -4.70 -2.43 3.39
C CYS A 27 -4.95 -2.05 4.84
N ASP A 28 -5.01 -0.75 5.10
CA ASP A 28 -5.23 -0.23 6.45
C ASP A 28 -6.48 0.65 6.50
N GLY A 29 -7.22 0.73 5.39
CA GLY A 29 -8.42 1.54 5.36
C GLY A 29 -8.34 2.66 4.35
N ASP A 30 -7.13 3.15 4.10
CA ASP A 30 -6.92 4.24 3.15
C ASP A 30 -6.57 3.70 1.77
N LYS A 31 -6.52 4.59 0.78
CA LYS A 31 -6.20 4.20 -0.58
C LYS A 31 -4.93 4.91 -1.06
N ASP A 32 -3.78 4.30 -0.79
CA ASP A 32 -2.50 4.88 -1.20
C ASP A 32 -2.29 4.68 -2.70
N CYS A 33 -2.76 3.55 -3.19
CA CYS A 33 -2.64 3.21 -4.61
C CYS A 33 -3.82 3.77 -5.39
N ALA A 34 -3.55 4.23 -6.62
CA ALA A 34 -4.59 4.80 -7.47
C ALA A 34 -5.86 3.95 -7.46
N ASP A 35 -5.69 2.65 -7.30
CA ASP A 35 -6.82 1.73 -7.26
C ASP A 35 -6.88 0.97 -5.94
N GLY A 36 -6.32 1.58 -4.89
CA GLY A 36 -6.32 0.95 -3.58
C GLY A 36 -5.71 -0.44 -3.59
N ALA A 37 -4.78 -0.67 -4.52
CA ALA A 37 -4.12 -1.97 -4.63
C ALA A 37 -3.66 -2.48 -3.28
N ASP A 38 -3.06 -1.60 -2.48
CA ASP A 38 -2.58 -1.98 -1.15
C ASP A 38 -3.72 -2.55 -0.31
N GLU A 39 -4.95 -2.10 -0.61
CA GLU A 39 -6.13 -2.56 0.10
C GLU A 39 -6.67 -3.86 -0.50
N SER A 40 -5.91 -4.46 -1.41
CA SER A 40 -6.31 -5.70 -2.04
C SER A 40 -5.20 -6.74 -1.95
N ILE A 41 -5.49 -7.96 -2.43
CA ILE A 41 -4.52 -9.04 -2.40
C ILE A 41 -3.38 -8.78 -3.39
N ALA A 42 -3.62 -7.89 -4.35
CA ALA A 42 -2.62 -7.55 -5.36
C ALA A 42 -1.31 -7.13 -4.70
N ALA A 43 -1.42 -6.47 -3.56
CA ALA A 43 -0.26 -6.00 -2.82
C ALA A 43 0.26 -7.08 -1.87
N GLY A 44 -0.61 -8.02 -1.51
CA GLY A 44 -0.21 -9.10 -0.62
C GLY A 44 -0.76 -8.91 0.79
N CYS A 45 -1.91 -8.25 0.89
CA CYS A 45 -2.53 -8.00 2.18
C CYS A 45 -2.76 -9.31 2.93
N LEU A 46 -3.57 -10.20 2.34
CA LEU A 46 -3.85 -11.50 2.94
C LEU A 46 -4.84 -11.39 4.11
N TYR A 47 -4.47 -10.62 5.13
CA TYR A 47 -5.32 -10.43 6.30
C TYR A 47 -6.78 -10.23 5.91
N ASN A 48 -7.01 -9.34 4.95
CA ASN A 48 -8.36 -9.06 4.48
C ASN A 48 -9.21 -8.47 5.60
N SER A 49 -9.69 -7.24 5.40
CA SER A 49 -10.53 -6.57 6.39
C SER A 49 -11.72 -5.89 5.72
N THR A 50 -12.92 -6.37 6.02
CA THR A 50 -14.14 -5.81 5.45
C THR A 50 -15.34 -6.13 6.33
CA CA B . -3.76 2.11 2.50
N GLY A 1 9.05 10.84 13.97
CA GLY A 1 9.06 11.33 12.57
C GLY A 1 9.88 10.45 11.64
N SER A 2 9.74 10.67 10.34
CA SER A 2 10.47 9.89 9.35
C SER A 2 10.86 10.75 8.16
N GLU A 3 11.23 12.00 8.43
CA GLU A 3 11.63 12.93 7.37
C GLU A 3 10.44 13.31 6.50
N GLY A 4 9.98 12.35 5.70
CA GLY A 4 8.85 12.60 4.83
C GLY A 4 7.72 11.60 5.03
N LYS A 5 7.18 11.09 3.93
CA LYS A 5 6.09 10.12 3.99
C LYS A 5 5.70 9.64 2.60
N THR A 6 6.49 8.73 2.05
CA THR A 6 6.24 8.19 0.72
C THR A 6 5.99 6.69 0.77
N CYS A 7 6.94 5.96 1.36
CA CYS A 7 6.83 4.52 1.49
C CYS A 7 7.98 3.94 2.31
N GLY A 8 9.17 4.49 2.11
CA GLY A 8 10.33 4.02 2.86
C GLY A 8 10.58 2.53 2.65
N PRO A 9 11.35 1.90 3.56
CA PRO A 9 11.66 0.47 3.48
C PRO A 9 10.40 -0.40 3.47
N SER A 10 10.49 -1.56 2.81
CA SER A 10 9.37 -2.47 2.73
C SER A 10 8.18 -1.82 2.03
N SER A 11 8.47 -1.09 0.96
CA SER A 11 7.43 -0.40 0.20
C SER A 11 6.77 -1.35 -0.80
N PHE A 12 5.66 -0.90 -1.37
CA PHE A 12 4.92 -1.70 -2.36
C PHE A 12 4.47 -0.81 -3.51
N SER A 13 4.70 -1.30 -4.73
CA SER A 13 4.31 -0.56 -5.93
C SER A 13 2.94 -1.00 -6.42
N CYS A 14 2.22 -0.08 -7.04
CA CYS A 14 0.89 -0.37 -7.55
C CYS A 14 0.95 -0.90 -8.98
N PRO A 15 0.14 -1.93 -9.30
CA PRO A 15 0.09 -2.52 -10.64
C PRO A 15 -0.25 -1.50 -11.72
N GLY A 16 0.51 -1.50 -12.80
CA GLY A 16 0.27 -0.56 -13.88
C GLY A 16 1.09 0.71 -13.74
N THR A 17 1.16 1.25 -12.53
CA THR A 17 1.91 2.47 -12.27
C THR A 17 3.16 2.15 -11.45
N HIS A 18 3.97 3.18 -11.19
CA HIS A 18 5.20 3.01 -10.42
C HIS A 18 5.14 3.81 -9.12
N VAL A 19 4.03 3.69 -8.40
CA VAL A 19 3.87 4.41 -7.14
C VAL A 19 4.66 3.72 -6.02
N CYS A 20 4.55 4.26 -4.82
CA CYS A 20 5.26 3.69 -3.67
C CYS A 20 4.46 3.87 -2.38
N VAL A 21 4.11 2.75 -1.76
CA VAL A 21 3.35 2.78 -0.51
C VAL A 21 4.10 2.05 0.60
N PRO A 22 4.13 2.64 1.81
CA PRO A 22 4.81 2.02 2.95
C PRO A 22 4.04 0.84 3.52
N GLU A 23 4.75 -0.18 3.96
CA GLU A 23 4.11 -1.37 4.53
C GLU A 23 3.02 -0.99 5.54
N ARG A 24 3.27 0.08 6.28
CA ARG A 24 2.31 0.55 7.28
C ARG A 24 1.00 0.94 6.59
N TRP A 25 1.11 1.40 5.34
CA TRP A 25 -0.05 1.79 4.56
C TRP A 25 -0.66 0.59 3.83
N LEU A 26 0.18 -0.40 3.54
CA LEU A 26 -0.27 -1.61 2.85
C LEU A 26 -1.54 -2.16 3.47
N CYS A 27 -2.66 -1.97 2.78
CA CYS A 27 -3.95 -2.45 3.27
C CYS A 27 -4.19 -1.99 4.71
N ASP A 28 -4.35 -0.69 4.89
CA ASP A 28 -4.57 -0.11 6.21
C ASP A 28 -6.01 0.37 6.38
N GLY A 29 -6.80 0.27 5.30
CA GLY A 29 -8.18 0.70 5.36
C GLY A 29 -8.48 1.81 4.38
N ASP A 30 -7.47 2.62 4.06
CA ASP A 30 -7.64 3.72 3.14
C ASP A 30 -7.03 3.38 1.78
N LYS A 31 -7.67 3.86 0.72
CA LYS A 31 -7.19 3.61 -0.64
C LYS A 31 -6.10 4.60 -1.03
N ASP A 32 -4.85 4.22 -0.80
CA ASP A 32 -3.72 5.08 -1.15
C ASP A 32 -3.31 4.83 -2.60
N CYS A 33 -3.53 3.59 -3.05
CA CYS A 33 -3.20 3.20 -4.40
C CYS A 33 -4.20 3.78 -5.40
N ALA A 34 -3.87 3.69 -6.69
CA ALA A 34 -4.76 4.20 -7.72
C ALA A 34 -6.09 3.46 -7.72
N ASP A 35 -6.02 2.14 -7.58
CA ASP A 35 -7.21 1.31 -7.55
C ASP A 35 -7.29 0.53 -6.23
N GLY A 36 -6.73 1.11 -5.17
CA GLY A 36 -6.75 0.46 -3.88
C GLY A 36 -5.98 -0.84 -3.86
N ALA A 37 -5.04 -1.00 -4.80
CA ALA A 37 -4.23 -2.22 -4.88
C ALA A 37 -3.66 -2.57 -3.51
N ASP A 38 -3.14 -1.57 -2.81
CA ASP A 38 -2.56 -1.79 -1.49
C ASP A 38 -3.61 -2.36 -0.53
N GLU A 39 -4.88 -2.14 -0.84
CA GLU A 39 -5.97 -2.63 -0.01
C GLU A 39 -6.49 -3.98 -0.52
N SER A 40 -5.69 -4.65 -1.34
CA SER A 40 -6.08 -5.95 -1.89
C SER A 40 -5.01 -7.00 -1.62
N ILE A 41 -5.25 -8.21 -2.13
CA ILE A 41 -4.30 -9.31 -1.95
C ILE A 41 -3.05 -9.08 -2.79
N ALA A 42 -3.20 -8.35 -3.89
CA ALA A 42 -2.08 -8.05 -4.77
C ALA A 42 -0.91 -7.45 -4.01
N ALA A 43 -1.23 -6.70 -2.95
CA ALA A 43 -0.20 -6.06 -2.14
C ALA A 43 0.24 -6.97 -0.98
N GLY A 44 -0.54 -8.01 -0.71
CA GLY A 44 -0.22 -8.93 0.36
C GLY A 44 -1.20 -8.87 1.50
N CYS A 45 -2.42 -8.42 1.21
CA CYS A 45 -3.46 -8.32 2.24
C CYS A 45 -4.50 -9.42 2.06
N LEU A 46 -4.45 -10.42 2.94
CA LEU A 46 -5.38 -11.54 2.89
C LEU A 46 -6.27 -11.56 4.12
N TYR A 47 -6.58 -10.38 4.65
CA TYR A 47 -7.43 -10.27 5.84
C TYR A 47 -8.90 -10.51 5.50
N ASN A 48 -9.22 -10.51 4.20
CA ASN A 48 -10.59 -10.73 3.75
C ASN A 48 -11.51 -9.59 4.18
N SER A 49 -11.79 -9.52 5.48
CA SER A 49 -12.65 -8.47 6.03
C SER A 49 -14.09 -8.65 5.56
N THR A 50 -15.04 -8.39 6.45
CA THR A 50 -16.45 -8.52 6.13
C THR A 50 -16.86 -7.53 5.05
CA CA B . -3.82 1.05 1.70
N GLY A 1 12.47 16.80 10.73
CA GLY A 1 11.16 16.15 11.00
C GLY A 1 10.76 15.17 9.92
N SER A 2 10.61 13.91 10.30
CA SER A 2 10.23 12.86 9.36
C SER A 2 11.29 12.68 8.28
N GLU A 3 11.83 11.48 8.17
CA GLU A 3 12.85 11.18 7.18
C GLU A 3 12.23 10.80 5.84
N GLY A 4 11.54 9.66 5.83
CA GLY A 4 10.90 9.19 4.62
C GLY A 4 9.63 8.40 4.89
N LYS A 5 8.52 9.11 5.09
CA LYS A 5 7.24 8.47 5.37
C LYS A 5 6.77 7.66 4.17
N THR A 6 7.04 8.15 2.97
CA THR A 6 6.63 7.47 1.75
C THR A 6 7.48 6.22 1.52
N CYS A 7 6.86 5.18 0.99
CA CYS A 7 7.54 3.92 0.72
C CYS A 7 8.18 3.35 1.99
N GLY A 8 9.39 3.83 2.31
CA GLY A 8 10.07 3.34 3.50
C GLY A 8 10.24 1.83 3.50
N PRO A 9 10.87 1.27 4.56
CA PRO A 9 11.08 -0.17 4.67
C PRO A 9 9.78 -0.96 4.49
N SER A 10 9.84 -2.05 3.74
CA SER A 10 8.68 -2.88 3.49
C SER A 10 7.60 -2.09 2.74
N SER A 11 8.00 -1.49 1.61
CA SER A 11 7.07 -0.70 0.81
C SER A 11 6.46 -1.54 -0.30
N PHE A 12 5.31 -1.09 -0.80
CA PHE A 12 4.62 -1.78 -1.88
C PHE A 12 4.44 -0.85 -3.08
N SER A 13 4.37 -1.42 -4.26
CA SER A 13 4.20 -0.63 -5.48
C SER A 13 2.91 -1.02 -6.19
N CYS A 14 2.02 -0.04 -6.37
CA CYS A 14 0.75 -0.29 -7.03
C CYS A 14 0.97 -0.67 -8.50
N PRO A 15 0.21 -1.66 -9.01
CA PRO A 15 0.33 -2.11 -10.39
C PRO A 15 -0.19 -1.09 -11.39
N GLY A 16 0.54 -0.93 -12.50
CA GLY A 16 0.13 0.02 -13.52
C GLY A 16 0.31 1.46 -13.09
N THR A 17 1.39 1.73 -12.36
CA THR A 17 1.68 3.08 -11.90
C THR A 17 2.96 3.12 -11.08
N HIS A 18 3.38 4.33 -10.70
CA HIS A 18 4.59 4.50 -9.91
C HIS A 18 4.26 5.04 -8.51
N VAL A 19 3.23 4.47 -7.90
CA VAL A 19 2.80 4.88 -6.57
C VAL A 19 3.08 3.79 -5.55
N CYS A 20 3.70 4.16 -4.43
CA CYS A 20 4.01 3.21 -3.37
C CYS A 20 3.14 3.45 -2.15
N VAL A 21 3.08 2.47 -1.26
CA VAL A 21 2.30 2.58 -0.04
C VAL A 21 2.90 1.73 1.08
N PRO A 22 3.19 2.34 2.25
CA PRO A 22 3.77 1.63 3.38
C PRO A 22 2.88 0.48 3.84
N GLU A 23 3.50 -0.58 4.36
CA GLU A 23 2.76 -1.74 4.84
C GLU A 23 1.64 -1.31 5.80
N ARG A 24 1.93 -0.32 6.63
CA ARG A 24 0.95 0.19 7.58
C ARG A 24 -0.27 0.73 6.85
N TRP A 25 -0.05 1.20 5.62
CA TRP A 25 -1.12 1.75 4.80
C TRP A 25 -1.77 0.65 3.96
N LEU A 26 -1.02 -0.41 3.70
CA LEU A 26 -1.53 -1.54 2.90
C LEU A 26 -2.85 -2.04 3.47
N CYS A 27 -3.90 -2.01 2.64
CA CYS A 27 -5.23 -2.45 3.05
C CYS A 27 -5.54 -2.04 4.48
N ASP A 28 -5.48 -0.74 4.74
CA ASP A 28 -5.75 -0.21 6.07
C ASP A 28 -7.12 0.45 6.14
N GLY A 29 -7.73 0.67 4.97
CA GLY A 29 -9.04 1.29 4.93
C GLY A 29 -9.03 2.62 4.18
N ASP A 30 -8.01 2.83 3.36
CA ASP A 30 -7.89 4.06 2.58
C ASP A 30 -7.21 3.79 1.25
N LYS A 31 -7.99 3.70 0.18
CA LYS A 31 -7.46 3.44 -1.14
C LYS A 31 -6.39 4.47 -1.52
N ASP A 32 -5.12 4.11 -1.30
CA ASP A 32 -4.00 4.98 -1.62
C ASP A 32 -3.50 4.72 -3.03
N CYS A 33 -3.62 3.47 -3.47
CA CYS A 33 -3.18 3.08 -4.81
C CYS A 33 -4.09 3.66 -5.88
N ALA A 34 -3.71 3.48 -7.13
CA ALA A 34 -4.50 4.00 -8.25
C ALA A 34 -5.87 3.32 -8.31
N ASP A 35 -5.88 2.00 -8.22
CA ASP A 35 -7.12 1.24 -8.27
C ASP A 35 -7.34 0.48 -6.96
N GLY A 36 -6.94 1.10 -5.85
CA GLY A 36 -7.10 0.46 -4.55
C GLY A 36 -6.37 -0.86 -4.46
N ALA A 37 -5.26 -0.97 -5.18
CA ALA A 37 -4.47 -2.20 -5.18
C ALA A 37 -4.01 -2.58 -3.78
N ASP A 38 -3.62 -1.57 -3.00
CA ASP A 38 -3.16 -1.80 -1.64
C ASP A 38 -4.25 -2.45 -0.78
N GLU A 39 -5.50 -2.21 -1.16
CA GLU A 39 -6.64 -2.79 -0.43
C GLU A 39 -7.08 -4.11 -1.05
N SER A 40 -6.25 -4.66 -1.94
CA SER A 40 -6.56 -5.92 -2.60
C SER A 40 -5.40 -6.90 -2.48
N ILE A 41 -5.65 -8.16 -2.86
CA ILE A 41 -4.62 -9.18 -2.81
C ILE A 41 -3.41 -8.78 -3.67
N ALA A 42 -3.65 -7.92 -4.64
CA ALA A 42 -2.57 -7.45 -5.53
C ALA A 42 -1.39 -6.92 -4.73
N ALA A 43 -1.67 -6.43 -3.52
CA ALA A 43 -0.63 -5.90 -2.67
C ALA A 43 -0.23 -6.89 -1.57
N GLY A 44 -0.50 -8.16 -1.80
CA GLY A 44 -0.18 -9.18 -0.83
C GLY A 44 -1.01 -9.08 0.43
N CYS A 45 -2.13 -8.37 0.33
CA CYS A 45 -3.02 -8.20 1.48
C CYS A 45 -4.07 -9.30 1.52
N LEU A 46 -3.66 -10.48 1.99
CA LEU A 46 -4.56 -11.62 2.09
C LEU A 46 -4.72 -12.08 3.54
N TYR A 47 -4.49 -11.15 4.46
CA TYR A 47 -4.61 -11.46 5.88
C TYR A 47 -6.08 -11.65 6.29
N ASN A 48 -7.00 -11.34 5.38
CA ASN A 48 -8.43 -11.49 5.65
C ASN A 48 -8.86 -10.58 6.80
N SER A 49 -9.86 -9.75 6.54
CA SER A 49 -10.38 -8.83 7.55
C SER A 49 -11.58 -8.05 7.02
N THR A 50 -11.50 -7.64 5.76
CA THR A 50 -12.57 -6.89 5.13
C THR A 50 -12.85 -5.60 5.90
CA CA B . -4.87 1.16 1.62
N GLY A 1 10.86 15.27 9.94
CA GLY A 1 11.16 14.00 10.67
C GLY A 1 11.72 12.92 9.76
N SER A 2 10.89 12.39 8.88
CA SER A 2 11.31 11.35 7.95
C SER A 2 11.13 11.80 6.50
N GLU A 3 11.19 13.11 6.28
CA GLU A 3 11.04 13.69 4.95
C GLU A 3 9.95 12.97 4.14
N GLY A 4 10.34 11.95 3.37
CA GLY A 4 9.38 11.22 2.58
C GLY A 4 9.13 9.82 3.12
N LYS A 5 7.97 9.65 3.75
CA LYS A 5 7.60 8.36 4.33
C LYS A 5 6.68 7.59 3.39
N THR A 6 6.87 7.77 2.09
CA THR A 6 6.05 7.10 1.09
C THR A 6 6.30 5.59 1.11
N CYS A 7 7.52 5.18 0.81
CA CYS A 7 7.88 3.78 0.79
C CYS A 7 8.54 3.36 2.11
N GLY A 8 9.74 3.88 2.34
CA GLY A 8 10.46 3.55 3.57
C GLY A 8 10.71 2.06 3.70
N PRO A 9 11.27 1.61 4.83
CA PRO A 9 11.55 0.21 5.08
C PRO A 9 10.31 -0.67 4.91
N SER A 10 10.41 -1.67 4.04
CA SER A 10 9.30 -2.57 3.78
C SER A 10 8.11 -1.81 3.19
N SER A 11 8.13 -1.60 1.87
CA SER A 11 7.07 -0.88 1.19
C SER A 11 6.56 -1.68 -0.01
N PHE A 12 5.35 -1.37 -0.44
CA PHE A 12 4.74 -2.04 -1.58
C PHE A 12 4.64 -1.10 -2.78
N SER A 13 4.67 -1.67 -3.98
CA SER A 13 4.58 -0.88 -5.20
C SER A 13 3.27 -1.14 -5.93
N CYS A 14 2.61 -0.08 -6.34
CA CYS A 14 1.33 -0.19 -7.04
C CYS A 14 1.54 -0.55 -8.51
N PRO A 15 0.71 -1.47 -9.05
CA PRO A 15 0.81 -1.90 -10.45
C PRO A 15 0.60 -0.75 -11.42
N GLY A 16 1.57 -0.54 -12.30
CA GLY A 16 1.48 0.53 -13.28
C GLY A 16 1.59 1.91 -12.66
N THR A 17 2.45 2.04 -11.67
CA THR A 17 2.66 3.32 -11.00
C THR A 17 3.67 3.19 -9.86
N HIS A 18 4.36 4.29 -9.56
CA HIS A 18 5.37 4.29 -8.51
C HIS A 18 4.75 4.57 -7.13
N VAL A 19 3.44 4.83 -7.11
CA VAL A 19 2.74 5.11 -5.87
C VAL A 19 2.91 3.95 -4.87
N CYS A 20 3.96 4.02 -4.07
CA CYS A 20 4.24 2.99 -3.08
C CYS A 20 3.42 3.21 -1.81
N VAL A 21 3.31 2.16 -0.99
CA VAL A 21 2.55 2.24 0.25
C VAL A 21 3.13 1.30 1.30
N PRO A 22 3.40 1.80 2.52
CA PRO A 22 3.95 0.99 3.60
C PRO A 22 2.99 -0.13 4.01
N GLU A 23 3.54 -1.23 4.52
CA GLU A 23 2.73 -2.36 4.95
C GLU A 23 1.63 -1.91 5.92
N ARG A 24 1.99 -1.00 6.82
CA ARG A 24 1.04 -0.48 7.79
C ARG A 24 -0.14 0.19 7.08
N TRP A 25 0.12 0.69 5.88
CA TRP A 25 -0.91 1.35 5.09
C TRP A 25 -1.63 0.34 4.18
N LEU A 26 -0.94 -0.75 3.85
CA LEU A 26 -1.50 -1.78 2.99
C LEU A 26 -2.89 -2.21 3.49
N CYS A 27 -3.89 -2.08 2.62
CA CYS A 27 -5.27 -2.43 2.95
C CYS A 27 -5.61 -2.04 4.39
N ASP A 28 -5.54 -0.74 4.66
CA ASP A 28 -5.83 -0.21 5.99
C ASP A 28 -7.16 0.54 6.00
N GLY A 29 -7.76 0.71 4.82
CA GLY A 29 -9.03 1.41 4.73
C GLY A 29 -8.96 2.64 3.86
N ASP A 30 -7.76 3.21 3.75
CA ASP A 30 -7.56 4.40 2.94
C ASP A 30 -6.87 4.05 1.62
N LYS A 31 -7.64 4.03 0.54
CA LYS A 31 -7.11 3.69 -0.78
C LYS A 31 -6.02 4.68 -1.18
N ASP A 32 -4.79 4.41 -0.76
CA ASP A 32 -3.66 5.27 -1.08
C ASP A 32 -3.23 5.05 -2.53
N CYS A 33 -3.42 3.84 -3.03
CA CYS A 33 -3.05 3.50 -4.39
C CYS A 33 -3.97 4.20 -5.39
N ALA A 34 -3.61 4.12 -6.66
CA ALA A 34 -4.40 4.75 -7.72
C ALA A 34 -5.72 4.00 -7.92
N ASP A 35 -5.65 2.68 -7.86
CA ASP A 35 -6.83 1.85 -8.03
C ASP A 35 -7.07 0.98 -6.80
N GLY A 36 -6.63 1.48 -5.64
CA GLY A 36 -6.80 0.74 -4.40
C GLY A 36 -6.07 -0.59 -4.41
N ALA A 37 -4.98 -0.67 -5.17
CA ALA A 37 -4.19 -1.89 -5.24
C ALA A 37 -3.75 -2.35 -3.86
N ASP A 38 -3.30 -1.39 -3.04
CA ASP A 38 -2.85 -1.69 -1.69
C ASP A 38 -3.99 -2.29 -0.86
N GLU A 39 -5.22 -1.94 -1.20
CA GLU A 39 -6.39 -2.44 -0.49
C GLU A 39 -6.97 -3.68 -1.18
N SER A 40 -6.19 -4.28 -2.07
CA SER A 40 -6.63 -5.47 -2.79
C SER A 40 -5.57 -6.57 -2.74
N ILE A 41 -5.92 -7.74 -3.24
CA ILE A 41 -4.99 -8.87 -3.25
C ILE A 41 -3.75 -8.53 -4.08
N ALA A 42 -3.88 -7.56 -4.99
CA ALA A 42 -2.78 -7.15 -5.84
C ALA A 42 -1.54 -6.83 -5.02
N ALA A 43 -1.76 -6.34 -3.81
CA ALA A 43 -0.67 -5.99 -2.91
C ALA A 43 -0.25 -7.18 -2.06
N GLY A 44 -1.16 -8.13 -1.90
CA GLY A 44 -0.86 -9.31 -1.10
C GLY A 44 -1.48 -9.26 0.28
N CYS A 45 -2.60 -8.55 0.40
CA CYS A 45 -3.28 -8.43 1.68
C CYS A 45 -3.92 -9.77 2.08
N LEU A 46 -4.99 -10.13 1.38
CA LEU A 46 -5.70 -11.38 1.65
C LEU A 46 -6.38 -11.36 3.02
N TYR A 47 -5.58 -11.34 4.08
CA TYR A 47 -6.11 -11.32 5.44
C TYR A 47 -6.90 -10.05 5.72
N ASN A 48 -8.13 -10.00 5.22
CA ASN A 48 -9.00 -8.85 5.41
C ASN A 48 -10.46 -9.22 5.21
N SER A 49 -10.81 -10.46 5.56
CA SER A 49 -12.18 -10.95 5.42
C SER A 49 -12.94 -10.80 6.73
N THR A 50 -12.23 -10.95 7.85
CA THR A 50 -12.84 -10.84 9.16
C THR A 50 -13.50 -9.48 9.35
CA CA B . -4.28 1.40 1.61
N GLY A 1 7.92 16.74 1.97
CA GLY A 1 6.92 16.34 0.94
C GLY A 1 5.69 15.69 1.54
N SER A 2 5.74 14.37 1.71
CA SER A 2 4.63 13.63 2.28
C SER A 2 5.06 12.83 3.50
N GLU A 3 5.00 13.46 4.68
CA GLU A 3 5.38 12.81 5.92
C GLU A 3 6.89 12.56 5.97
N GLY A 4 7.37 11.67 5.11
CA GLY A 4 8.79 11.36 5.07
C GLY A 4 9.06 9.88 5.21
N LYS A 5 8.28 9.07 4.51
CA LYS A 5 8.45 7.61 4.56
C LYS A 5 8.41 7.01 3.16
N THR A 6 7.33 7.30 2.43
CA THR A 6 7.15 6.79 1.07
C THR A 6 7.36 5.27 1.02
N CYS A 7 8.59 4.84 0.76
CA CYS A 7 8.89 3.41 0.68
C CYS A 7 9.73 2.96 1.87
N GLY A 8 9.09 2.84 3.02
CA GLY A 8 9.79 2.41 4.22
C GLY A 8 10.25 0.97 4.13
N PRO A 9 10.55 0.34 5.28
CA PRO A 9 10.99 -1.06 5.32
C PRO A 9 9.97 -2.00 4.68
N SER A 10 10.41 -2.75 3.67
CA SER A 10 9.54 -3.68 2.98
C SER A 10 8.38 -2.94 2.32
N SER A 11 8.70 -1.99 1.44
CA SER A 11 7.69 -1.20 0.76
C SER A 11 7.10 -1.96 -0.43
N PHE A 12 5.81 -1.74 -0.68
CA PHE A 12 5.11 -2.39 -1.78
C PHE A 12 4.84 -1.39 -2.90
N SER A 13 4.76 -1.89 -4.12
CA SER A 13 4.50 -1.03 -5.27
C SER A 13 3.08 -1.25 -5.80
N CYS A 14 2.33 -0.17 -5.93
CA CYS A 14 0.96 -0.24 -6.42
C CYS A 14 0.93 -0.48 -7.92
N PRO A 15 -0.03 -1.29 -8.40
CA PRO A 15 -0.16 -1.61 -9.83
C PRO A 15 -0.70 -0.43 -10.63
N GLY A 16 -0.24 -0.32 -11.87
CA GLY A 16 -0.69 0.77 -12.74
C GLY A 16 -0.25 2.13 -12.23
N THR A 17 0.94 2.19 -11.64
CA THR A 17 1.46 3.45 -11.10
C THR A 17 2.83 3.24 -10.48
N HIS A 18 3.46 4.33 -10.06
CA HIS A 18 4.79 4.26 -9.44
C HIS A 18 4.72 4.67 -7.98
N VAL A 19 3.58 4.40 -7.34
CA VAL A 19 3.39 4.74 -5.94
C VAL A 19 3.75 3.56 -5.05
N CYS A 20 4.53 3.82 -3.99
CA CYS A 20 4.93 2.78 -3.07
C CYS A 20 4.25 2.95 -1.71
N VAL A 21 4.29 1.89 -0.90
CA VAL A 21 3.67 1.92 0.42
C VAL A 21 4.38 0.95 1.37
N PRO A 22 4.68 1.39 2.60
CA PRO A 22 5.35 0.55 3.59
C PRO A 22 4.42 -0.52 4.14
N GLU A 23 4.98 -1.66 4.51
CA GLU A 23 4.18 -2.78 5.03
C GLU A 23 3.25 -2.29 6.15
N ARG A 24 3.74 -1.38 6.97
CA ARG A 24 2.93 -0.83 8.06
C ARG A 24 1.70 -0.11 7.52
N TRP A 25 1.82 0.41 6.29
CA TRP A 25 0.72 1.11 5.64
C TRP A 25 -0.17 0.12 4.87
N LEU A 26 0.42 -1.00 4.46
CA LEU A 26 -0.31 -2.03 3.72
C LEU A 26 -1.58 -2.44 4.47
N CYS A 27 -2.73 -2.28 3.80
CA CYS A 27 -4.02 -2.63 4.39
C CYS A 27 -4.07 -2.29 5.88
N ASP A 28 -3.79 -1.03 6.19
CA ASP A 28 -3.78 -0.57 7.58
C ASP A 28 -5.07 0.19 7.90
N GLY A 29 -5.82 0.55 6.86
CA GLY A 29 -7.06 1.28 7.06
C GLY A 29 -7.05 2.65 6.42
N ASP A 30 -6.14 2.84 5.47
CA ASP A 30 -6.03 4.12 4.76
C ASP A 30 -5.45 3.93 3.36
N LYS A 31 -6.31 4.10 2.35
CA LYS A 31 -5.89 3.92 0.97
C LYS A 31 -4.70 4.82 0.64
N ASP A 32 -3.50 4.28 0.78
CA ASP A 32 -2.27 5.03 0.50
C ASP A 32 -1.88 4.87 -0.97
N CYS A 33 -2.20 3.72 -1.54
CA CYS A 33 -1.88 3.44 -2.93
C CYS A 33 -2.67 4.36 -3.86
N ALA A 34 -2.54 4.12 -5.17
CA ALA A 34 -3.23 4.93 -6.16
C ALA A 34 -4.72 4.58 -6.19
N ASP A 35 -5.01 3.29 -6.30
CA ASP A 35 -6.39 2.82 -6.34
C ASP A 35 -6.70 1.91 -5.15
N GLY A 36 -6.06 2.21 -4.02
CA GLY A 36 -6.28 1.41 -2.83
C GLY A 36 -5.78 -0.01 -2.97
N ALA A 37 -4.77 -0.19 -3.83
CA ALA A 37 -4.20 -1.51 -4.06
C ALA A 37 -3.67 -2.12 -2.77
N ASP A 38 -3.01 -1.30 -1.95
CA ASP A 38 -2.46 -1.76 -0.68
C ASP A 38 -3.54 -2.42 0.17
N GLU A 39 -4.79 -1.99 -0.02
CA GLU A 39 -5.90 -2.54 0.73
C GLU A 39 -6.58 -3.67 -0.04
N SER A 40 -5.87 -4.24 -1.00
CA SER A 40 -6.40 -5.33 -1.81
C SER A 40 -5.44 -6.51 -1.84
N ILE A 41 -5.66 -7.43 -2.78
CA ILE A 41 -4.81 -8.61 -2.92
C ILE A 41 -3.52 -8.27 -3.66
N ALA A 42 -3.59 -7.26 -4.54
CA ALA A 42 -2.43 -6.84 -5.31
C ALA A 42 -1.21 -6.60 -4.43
N ALA A 43 -1.46 -6.16 -3.20
CA ALA A 43 -0.38 -5.89 -2.25
C ALA A 43 0.02 -7.15 -1.49
N GLY A 44 -0.88 -8.14 -1.46
CA GLY A 44 -0.59 -9.37 -0.77
C GLY A 44 -1.37 -9.52 0.53
N CYS A 45 -2.47 -8.78 0.64
CA CYS A 45 -3.30 -8.83 1.83
C CYS A 45 -4.49 -9.75 1.61
N LEU A 46 -4.22 -11.05 1.58
CA LEU A 46 -5.27 -12.05 1.37
C LEU A 46 -6.05 -12.29 2.66
N TYR A 47 -6.96 -11.37 2.97
CA TYR A 47 -7.78 -11.48 4.16
C TYR A 47 -9.23 -11.83 3.81
N ASN A 48 -9.62 -11.52 2.58
CA ASN A 48 -10.98 -11.81 2.12
C ASN A 48 -12.00 -11.01 2.92
N SER A 49 -12.15 -9.74 2.56
CA SER A 49 -13.11 -8.86 3.23
C SER A 49 -13.46 -7.67 2.37
N THR A 50 -14.73 -7.30 2.36
CA THR A 50 -15.21 -6.17 1.57
C THR A 50 -15.17 -4.88 2.39
CA CA B . -3.64 0.92 3.21
N GLY A 1 0.31 12.41 6.27
CA GLY A 1 0.95 12.04 7.56
C GLY A 1 2.46 12.10 7.49
N SER A 2 3.08 12.52 8.59
CA SER A 2 4.53 12.61 8.65
C SER A 2 5.07 13.55 7.58
N GLU A 3 6.39 13.55 7.39
CA GLU A 3 7.02 14.40 6.39
C GLU A 3 8.18 13.67 5.71
N GLY A 4 8.05 12.36 5.59
CA GLY A 4 9.10 11.58 4.94
C GLY A 4 8.91 10.08 5.16
N LYS A 5 8.50 9.39 4.10
CA LYS A 5 8.29 7.95 4.16
C LYS A 5 7.87 7.39 2.81
N THR A 6 6.65 7.72 2.39
CA THR A 6 6.11 7.25 1.11
C THR A 6 6.13 5.73 1.01
N CYS A 7 7.30 5.17 0.70
CA CYS A 7 7.44 3.72 0.57
C CYS A 7 8.32 3.16 1.69
N GLY A 8 9.41 3.85 1.99
CA GLY A 8 10.31 3.40 3.04
C GLY A 8 10.86 2.01 2.76
N PRO A 9 11.61 1.44 3.72
CA PRO A 9 12.20 0.10 3.57
C PRO A 9 11.14 -0.98 3.38
N SER A 10 11.43 -1.94 2.51
CA SER A 10 10.50 -3.03 2.23
C SER A 10 9.10 -2.49 1.93
N SER A 11 8.91 -2.00 0.71
CA SER A 11 7.62 -1.46 0.29
C SER A 11 7.04 -2.25 -0.87
N PHE A 12 5.73 -2.13 -1.05
CA PHE A 12 5.03 -2.82 -2.13
C PHE A 12 4.92 -1.91 -3.35
N SER A 13 4.85 -2.52 -4.53
CA SER A 13 4.74 -1.75 -5.77
C SER A 13 3.32 -1.87 -6.35
N CYS A 14 2.68 -0.73 -6.54
CA CYS A 14 1.33 -0.69 -7.09
C CYS A 14 1.33 -0.97 -8.59
N PRO A 15 0.40 -1.83 -9.06
CA PRO A 15 0.31 -2.18 -10.49
C PRO A 15 -0.08 -0.98 -11.36
N GLY A 16 0.70 -0.76 -12.42
CA GLY A 16 0.41 0.35 -13.32
C GLY A 16 1.25 1.57 -13.03
N THR A 17 1.39 1.91 -11.75
CA THR A 17 2.17 3.08 -11.35
C THR A 17 3.39 2.67 -10.54
N HIS A 18 4.37 3.55 -10.45
CA HIS A 18 5.59 3.28 -9.70
C HIS A 18 5.41 3.57 -8.21
N VAL A 19 4.21 4.01 -7.83
CA VAL A 19 3.93 4.31 -6.44
C VAL A 19 4.02 3.06 -5.59
N CYS A 20 4.71 3.16 -4.45
CA CYS A 20 4.87 2.01 -3.56
C CYS A 20 4.38 2.36 -2.14
N VAL A 21 3.97 1.34 -1.41
CA VAL A 21 3.47 1.52 -0.04
C VAL A 21 4.11 0.51 0.92
N PRO A 22 4.47 0.95 2.13
CA PRO A 22 5.08 0.08 3.14
C PRO A 22 4.13 -1.02 3.60
N GLU A 23 4.68 -2.18 3.92
CA GLU A 23 3.88 -3.31 4.38
C GLU A 23 2.94 -2.89 5.51
N ARG A 24 3.47 -2.08 6.43
CA ARG A 24 2.68 -1.60 7.56
C ARG A 24 1.48 -0.79 7.07
N TRP A 25 1.61 -0.20 5.89
CA TRP A 25 0.53 0.60 5.30
C TRP A 25 -0.35 -0.27 4.42
N LEU A 26 0.19 -1.37 3.92
CA LEU A 26 -0.56 -2.28 3.05
C LEU A 26 -1.90 -2.65 3.68
N CYS A 27 -2.97 -2.44 2.92
CA CYS A 27 -4.33 -2.74 3.39
C CYS A 27 -4.51 -2.36 4.85
N ASP A 28 -4.26 -1.09 5.16
CA ASP A 28 -4.40 -0.59 6.53
C ASP A 28 -5.65 0.28 6.67
N GLY A 29 -6.33 0.54 5.55
CA GLY A 29 -7.53 1.35 5.59
C GLY A 29 -7.41 2.60 4.75
N ASP A 30 -6.17 3.02 4.48
CA ASP A 30 -5.93 4.21 3.69
C ASP A 30 -5.37 3.86 2.32
N LYS A 31 -6.12 4.17 1.27
CA LYS A 31 -5.70 3.88 -0.10
C LYS A 31 -4.46 4.69 -0.47
N ASP A 32 -3.28 4.12 -0.22
CA ASP A 32 -2.03 4.79 -0.54
C ASP A 32 -1.87 4.96 -2.04
N CYS A 33 -2.40 3.99 -2.81
CA CYS A 33 -2.31 4.04 -4.25
C CYS A 33 -3.51 4.76 -4.85
N ALA A 34 -3.38 5.21 -6.09
CA ALA A 34 -4.45 5.91 -6.78
C ALA A 34 -5.63 4.98 -7.06
N ASP A 35 -5.33 3.70 -7.21
CA ASP A 35 -6.36 2.70 -7.48
C ASP A 35 -6.68 1.86 -6.23
N GLY A 36 -5.91 2.09 -5.16
CA GLY A 36 -6.14 1.33 -3.93
C GLY A 36 -5.72 -0.11 -4.05
N ALA A 37 -4.67 -0.37 -4.83
CA ALA A 37 -4.16 -1.72 -5.01
C ALA A 37 -3.68 -2.29 -3.68
N ASP A 38 -3.02 -1.45 -2.89
CA ASP A 38 -2.51 -1.87 -1.59
C ASP A 38 -3.64 -2.34 -0.68
N GLU A 39 -4.84 -1.83 -0.91
CA GLU A 39 -6.00 -2.20 -0.11
C GLU A 39 -6.72 -3.42 -0.69
N SER A 40 -6.09 -4.05 -1.69
CA SER A 40 -6.69 -5.22 -2.32
C SER A 40 -5.68 -6.37 -2.39
N ILE A 41 -6.14 -7.52 -2.88
CA ILE A 41 -5.29 -8.69 -3.01
C ILE A 41 -4.10 -8.40 -3.93
N ALA A 42 -4.25 -7.40 -4.80
CA ALA A 42 -3.19 -7.03 -5.73
C ALA A 42 -1.86 -6.83 -5.01
N ALA A 43 -1.92 -6.41 -3.76
CA ALA A 43 -0.74 -6.19 -2.95
C ALA A 43 -0.32 -7.44 -2.20
N GLY A 44 -1.25 -8.37 -2.03
CA GLY A 44 -0.95 -9.61 -1.33
C GLY A 44 -1.53 -9.64 0.08
N CYS A 45 -2.58 -8.85 0.30
CA CYS A 45 -3.22 -8.78 1.61
C CYS A 45 -4.39 -9.75 1.69
N LEU A 46 -4.13 -10.93 2.24
CA LEU A 46 -5.16 -11.96 2.36
C LEU A 46 -5.93 -11.82 3.68
N TYR A 47 -6.54 -10.66 3.87
CA TYR A 47 -7.31 -10.40 5.09
C TYR A 47 -7.97 -9.02 5.03
N ASN A 48 -9.28 -9.02 4.79
CA ASN A 48 -10.04 -7.77 4.70
C ASN A 48 -11.01 -7.63 5.88
N SER A 49 -11.98 -6.74 5.73
CA SER A 49 -12.97 -6.51 6.78
C SER A 49 -12.36 -5.76 7.96
N THR A 50 -11.41 -6.41 8.63
CA THR A 50 -10.74 -5.81 9.78
C THR A 50 -9.22 -5.77 9.57
CA CA B . -3.37 0.67 2.24
N GLY A 1 7.00 14.55 11.49
CA GLY A 1 5.85 14.08 10.67
C GLY A 1 6.29 13.16 9.54
N SER A 2 6.40 13.70 8.34
CA SER A 2 6.81 12.93 7.18
C SER A 2 8.00 13.58 6.47
N GLU A 3 8.91 12.76 5.97
CA GLU A 3 10.09 13.26 5.26
C GLU A 3 10.44 12.35 4.09
N GLY A 4 10.40 11.03 4.32
CA GLY A 4 10.73 10.09 3.27
C GLY A 4 10.24 8.69 3.58
N LYS A 5 8.99 8.58 4.03
CA LYS A 5 8.40 7.29 4.35
C LYS A 5 7.53 6.78 3.22
N THR A 6 7.93 7.09 1.99
CA THR A 6 7.18 6.66 0.80
C THR A 6 7.34 5.16 0.60
N CYS A 7 8.48 4.76 0.06
CA CYS A 7 8.76 3.34 -0.20
C CYS A 7 9.70 2.77 0.86
N GLY A 8 10.97 3.15 0.80
CA GLY A 8 11.93 2.65 1.76
C GLY A 8 12.25 1.18 1.55
N PRO A 9 13.08 0.59 2.43
CA PRO A 9 13.45 -0.83 2.32
C PRO A 9 12.24 -1.76 2.47
N SER A 10 11.18 -1.26 3.08
CA SER A 10 9.97 -2.04 3.27
C SER A 10 8.74 -1.30 2.77
N SER A 11 8.26 -1.66 1.59
CA SER A 11 7.09 -1.03 1.01
C SER A 11 6.49 -1.88 -0.11
N PHE A 12 5.38 -1.42 -0.66
CA PHE A 12 4.71 -2.13 -1.74
C PHE A 12 4.50 -1.21 -2.94
N SER A 13 4.45 -1.80 -4.13
CA SER A 13 4.25 -1.03 -5.35
C SER A 13 2.86 -1.27 -5.91
N CYS A 14 2.12 -0.18 -6.15
CA CYS A 14 0.77 -0.28 -6.67
C CYS A 14 0.79 -0.63 -8.16
N PRO A 15 -0.19 -1.42 -8.63
CA PRO A 15 -0.28 -1.83 -10.04
C PRO A 15 -0.78 -0.70 -10.94
N GLY A 16 -0.26 -0.65 -12.16
CA GLY A 16 -0.67 0.38 -13.10
C GLY A 16 -0.20 1.76 -12.68
N THR A 17 0.95 1.83 -12.01
CA THR A 17 1.50 3.10 -11.57
C THR A 17 2.81 2.90 -10.81
N HIS A 18 3.52 3.99 -10.59
CA HIS A 18 4.81 3.94 -9.88
C HIS A 18 4.66 4.42 -8.43
N VAL A 19 3.45 4.27 -7.89
CA VAL A 19 3.18 4.70 -6.52
C VAL A 19 3.43 3.55 -5.54
N CYS A 20 4.05 3.87 -4.42
CA CYS A 20 4.35 2.87 -3.40
C CYS A 20 3.65 3.19 -2.09
N VAL A 21 3.56 2.20 -1.21
CA VAL A 21 2.91 2.36 0.08
C VAL A 21 3.61 1.52 1.14
N PRO A 22 3.86 2.10 2.34
CA PRO A 22 4.52 1.39 3.43
C PRO A 22 3.62 0.34 4.05
N GLU A 23 4.21 -0.75 4.54
CA GLU A 23 3.45 -1.83 5.14
C GLU A 23 2.46 -1.29 6.16
N ARG A 24 2.88 -0.29 6.93
CA ARG A 24 2.01 0.33 7.93
C ARG A 24 0.74 0.86 7.29
N TRP A 25 0.86 1.27 6.03
CA TRP A 25 -0.27 1.81 5.28
C TRP A 25 -0.99 0.70 4.51
N LEU A 26 -0.26 -0.37 4.21
CA LEU A 26 -0.83 -1.50 3.48
C LEU A 26 -2.13 -1.98 4.11
N CYS A 27 -3.20 -1.99 3.31
CA CYS A 27 -4.52 -2.42 3.77
C CYS A 27 -4.78 -1.96 5.21
N ASP A 28 -4.68 -0.65 5.42
CA ASP A 28 -4.90 -0.07 6.74
C ASP A 28 -6.27 0.60 6.83
N GLY A 29 -6.90 0.81 5.68
CA GLY A 29 -8.21 1.44 5.65
C GLY A 29 -8.23 2.70 4.82
N ASP A 30 -7.07 3.32 4.65
CA ASP A 30 -6.95 4.54 3.86
C ASP A 30 -6.30 4.26 2.52
N LYS A 31 -7.03 4.52 1.44
CA LYS A 31 -6.51 4.29 0.10
C LYS A 31 -5.30 5.18 -0.19
N ASP A 32 -4.12 4.56 -0.23
CA ASP A 32 -2.89 5.29 -0.49
C ASP A 32 -2.43 5.05 -1.93
N CYS A 33 -2.79 3.89 -2.47
CA CYS A 33 -2.41 3.53 -3.83
C CYS A 33 -3.26 4.29 -4.85
N ALA A 34 -3.01 4.03 -6.12
CA ALA A 34 -3.75 4.70 -7.20
C ALA A 34 -5.21 4.29 -7.18
N ASP A 35 -5.46 2.99 -7.24
CA ASP A 35 -6.83 2.47 -7.23
C ASP A 35 -7.12 1.68 -5.95
N GLY A 36 -6.53 2.13 -4.85
CA GLY A 36 -6.74 1.46 -3.57
C GLY A 36 -6.20 0.04 -3.57
N ALA A 37 -5.18 -0.20 -4.37
CA ALA A 37 -4.58 -1.53 -4.46
C ALA A 37 -4.08 -2.00 -3.10
N ASP A 38 -3.45 -1.09 -2.35
CA ASP A 38 -2.93 -1.42 -1.03
C ASP A 38 -4.04 -1.96 -0.12
N GLU A 39 -5.28 -1.63 -0.45
CA GLU A 39 -6.43 -2.08 0.34
C GLU A 39 -6.94 -3.45 -0.13
N SER A 40 -6.16 -4.12 -0.98
CA SER A 40 -6.54 -5.42 -1.50
C SER A 40 -5.41 -6.43 -1.34
N ILE A 41 -5.69 -7.68 -1.64
CA ILE A 41 -4.69 -8.74 -1.52
C ILE A 41 -3.54 -8.50 -2.49
N ALA A 42 -3.80 -7.75 -3.55
CA ALA A 42 -2.78 -7.44 -4.55
C ALA A 42 -1.54 -6.84 -3.90
N ALA A 43 -1.72 -6.25 -2.73
CA ALA A 43 -0.61 -5.63 -2.01
C ALA A 43 0.06 -6.61 -1.06
N GLY A 44 -0.43 -7.84 -1.01
CA GLY A 44 0.14 -8.85 -0.14
C GLY A 44 -0.77 -9.22 1.02
N CYS A 45 -1.83 -8.43 1.23
CA CYS A 45 -2.77 -8.69 2.30
C CYS A 45 -3.52 -9.99 2.04
N LEU A 46 -3.83 -10.74 3.10
CA LEU A 46 -4.53 -12.00 2.97
C LEU A 46 -5.82 -12.04 3.78
N TYR A 47 -5.90 -11.21 4.82
CA TYR A 47 -7.09 -11.18 5.67
C TYR A 47 -8.36 -11.04 4.81
N ASN A 48 -9.23 -12.03 4.89
CA ASN A 48 -10.47 -12.02 4.12
C ASN A 48 -11.33 -10.81 4.48
N SER A 49 -11.71 -10.04 3.46
CA SER A 49 -12.53 -8.86 3.66
C SER A 49 -13.84 -8.95 2.88
N THR A 50 -14.12 -10.14 2.34
CA THR A 50 -15.35 -10.36 1.57
C THR A 50 -15.55 -9.26 0.53
CA CA B . -4.24 1.19 2.37
N GLY A 1 2.72 11.27 6.66
CA GLY A 1 3.17 12.03 7.86
C GLY A 1 4.48 12.77 7.62
N SER A 2 5.40 12.65 8.56
CA SER A 2 6.70 13.30 8.46
C SER A 2 7.81 12.28 8.25
N GLU A 3 9.04 12.77 8.09
CA GLU A 3 10.19 11.89 7.88
C GLU A 3 10.00 11.04 6.62
N GLY A 4 10.93 10.12 6.39
CA GLY A 4 10.86 9.26 5.23
C GLY A 4 9.57 8.44 5.21
N LYS A 5 8.75 8.69 4.19
CA LYS A 5 7.48 7.98 4.05
C LYS A 5 7.26 7.53 2.61
N THR A 6 6.00 7.33 2.23
CA THR A 6 5.66 6.90 0.88
C THR A 6 6.31 5.56 0.56
N CYS A 7 7.56 5.59 0.09
CA CYS A 7 8.28 4.37 -0.24
C CYS A 7 9.27 4.02 0.86
N GLY A 8 10.20 3.12 0.56
CA GLY A 8 11.19 2.71 1.54
C GLY A 8 11.68 1.30 1.32
N PRO A 9 12.64 0.83 2.14
CA PRO A 9 13.21 -0.52 2.03
C PRO A 9 12.13 -1.59 2.13
N SER A 10 11.02 -1.26 2.79
CA SER A 10 9.92 -2.21 2.95
C SER A 10 8.60 -1.58 2.53
N SER A 11 8.59 -0.94 1.36
CA SER A 11 7.40 -0.29 0.84
C SER A 11 6.83 -1.08 -0.33
N PHE A 12 5.50 -1.16 -0.39
CA PHE A 12 4.83 -1.87 -1.47
C PHE A 12 4.52 -0.92 -2.63
N SER A 13 4.74 -1.39 -3.84
CA SER A 13 4.48 -0.58 -5.03
C SER A 13 3.21 -1.05 -5.74
N CYS A 14 2.32 -0.12 -6.00
CA CYS A 14 1.06 -0.43 -6.68
C CYS A 14 1.32 -1.08 -8.04
N PRO A 15 0.52 -2.09 -8.41
CA PRO A 15 0.68 -2.80 -9.69
C PRO A 15 0.41 -1.90 -10.89
N GLY A 16 1.30 -1.96 -11.87
CA GLY A 16 1.14 -1.15 -13.07
C GLY A 16 0.97 0.32 -12.75
N THR A 17 1.59 0.77 -11.67
CA THR A 17 1.51 2.16 -11.25
C THR A 17 2.84 2.65 -10.71
N HIS A 18 3.06 3.96 -10.77
CA HIS A 18 4.29 4.56 -10.29
C HIS A 18 4.11 5.12 -8.88
N VAL A 19 3.23 4.51 -8.11
CA VAL A 19 2.95 4.93 -6.75
C VAL A 19 3.37 3.87 -5.73
N CYS A 20 3.98 4.32 -4.65
CA CYS A 20 4.44 3.40 -3.60
C CYS A 20 3.60 3.56 -2.33
N VAL A 21 3.73 2.59 -1.43
CA VAL A 21 2.99 2.62 -0.17
C VAL A 21 3.76 1.88 0.93
N PRO A 22 3.88 2.49 2.12
CA PRO A 22 4.58 1.87 3.24
C PRO A 22 3.77 0.75 3.88
N GLU A 23 4.46 -0.23 4.45
CA GLU A 23 3.78 -1.36 5.10
C GLU A 23 2.74 -0.86 6.09
N ARG A 24 2.98 0.31 6.67
CA ARG A 24 2.05 0.90 7.63
C ARG A 24 0.76 1.32 6.93
N TRP A 25 0.86 1.60 5.63
CA TRP A 25 -0.29 2.00 4.84
C TRP A 25 -0.82 0.85 4.00
N LEU A 26 -0.44 -0.37 4.37
CA LEU A 26 -0.86 -1.56 3.65
C LEU A 26 -2.10 -2.17 4.29
N CYS A 27 -3.22 -2.15 3.56
CA CYS A 27 -4.48 -2.69 4.05
C CYS A 27 -4.81 -2.13 5.43
N ASP A 28 -4.95 -0.81 5.51
CA ASP A 28 -5.27 -0.13 6.77
C ASP A 28 -6.63 0.54 6.72
N GLY A 29 -7.20 0.67 5.52
CA GLY A 29 -8.50 1.30 5.37
C GLY A 29 -8.43 2.53 4.50
N ASP A 30 -7.26 3.16 4.43
CA ASP A 30 -7.08 4.35 3.62
C ASP A 30 -6.39 4.01 2.30
N LYS A 31 -7.16 3.99 1.23
CA LYS A 31 -6.62 3.68 -0.10
C LYS A 31 -5.50 4.64 -0.47
N ASP A 32 -4.26 4.21 -0.23
CA ASP A 32 -3.09 5.02 -0.55
C ASP A 32 -2.66 4.79 -1.99
N CYS A 33 -2.86 3.57 -2.47
CA CYS A 33 -2.48 3.21 -3.83
C CYS A 33 -3.31 4.00 -4.84
N ALA A 34 -3.12 3.71 -6.13
CA ALA A 34 -3.86 4.39 -7.18
C ALA A 34 -5.28 3.86 -7.27
N ASP A 35 -5.42 2.54 -7.24
CA ASP A 35 -6.73 1.92 -7.31
C ASP A 35 -6.99 1.06 -6.08
N GLY A 36 -6.42 1.48 -4.95
CA GLY A 36 -6.60 0.74 -3.71
C GLY A 36 -5.91 -0.62 -3.73
N ALA A 37 -4.81 -0.71 -4.46
CA ALA A 37 -4.06 -1.96 -4.57
C ALA A 37 -3.62 -2.44 -3.18
N ASP A 38 -3.12 -1.51 -2.37
CA ASP A 38 -2.66 -1.83 -1.03
C ASP A 38 -3.79 -2.50 -0.22
N GLU A 39 -5.03 -2.15 -0.56
CA GLU A 39 -6.18 -2.71 0.12
C GLU A 39 -6.73 -3.93 -0.62
N SER A 40 -5.91 -4.51 -1.51
CA SER A 40 -6.32 -5.67 -2.28
C SER A 40 -5.29 -6.78 -2.17
N ILE A 41 -5.45 -7.81 -2.99
CA ILE A 41 -4.53 -8.94 -3.00
C ILE A 41 -3.20 -8.56 -3.64
N ALA A 42 -3.24 -7.58 -4.54
CA ALA A 42 -2.04 -7.11 -5.23
C ALA A 42 -0.93 -6.78 -4.25
N ALA A 43 -1.31 -6.44 -3.02
CA ALA A 43 -0.34 -6.08 -1.99
C ALA A 43 -0.11 -7.23 -1.02
N GLY A 44 -0.56 -8.43 -1.40
CA GLY A 44 -0.38 -9.59 -0.56
C GLY A 44 -1.42 -9.69 0.55
N CYS A 45 -2.54 -8.99 0.38
CA CYS A 45 -3.61 -9.02 1.37
C CYS A 45 -4.79 -9.83 0.87
N LEU A 46 -4.80 -11.11 1.20
CA LEU A 46 -5.88 -12.00 0.78
C LEU A 46 -6.92 -12.17 1.88
N TYR A 47 -6.47 -12.49 3.09
CA TYR A 47 -7.36 -12.67 4.23
C TYR A 47 -8.38 -11.54 4.32
N ASN A 48 -7.94 -10.33 4.02
CA ASN A 48 -8.82 -9.15 4.07
C ASN A 48 -9.43 -9.00 5.46
N SER A 49 -10.11 -7.88 5.68
CA SER A 49 -10.73 -7.61 6.96
C SER A 49 -11.51 -6.29 6.92
N THR A 50 -12.58 -6.26 6.14
CA THR A 50 -13.40 -5.06 6.00
C THR A 50 -14.44 -4.99 7.13
CA CA B . -4.28 1.17 2.62
N GLY A 1 8.24 16.87 4.06
CA GLY A 1 7.25 15.84 3.62
C GLY A 1 7.02 14.77 4.67
N SER A 2 6.93 15.19 5.93
CA SER A 2 6.73 14.26 7.03
C SER A 2 7.86 13.24 7.12
N GLU A 3 9.06 13.68 6.75
CA GLU A 3 10.23 12.80 6.79
C GLU A 3 10.04 11.60 5.86
N GLY A 4 10.94 10.64 5.96
CA GLY A 4 10.85 9.45 5.13
C GLY A 4 9.70 8.54 5.54
N LYS A 5 8.52 8.80 4.99
CA LYS A 5 7.34 7.98 5.31
C LYS A 5 6.57 7.64 4.04
N THR A 6 7.28 7.54 2.92
CA THR A 6 6.66 7.21 1.65
C THR A 6 6.88 5.74 1.29
N CYS A 7 8.07 5.44 0.79
CA CYS A 7 8.42 4.07 0.41
C CYS A 7 9.26 3.41 1.48
N GLY A 8 10.49 3.91 1.66
CA GLY A 8 11.38 3.35 2.66
C GLY A 8 11.75 1.91 2.37
N PRO A 9 12.52 1.27 3.26
CA PRO A 9 12.95 -0.12 3.08
C PRO A 9 11.77 -1.07 2.88
N SER A 10 10.73 -0.87 3.68
CA SER A 10 9.52 -1.71 3.58
C SER A 10 8.41 -0.96 2.87
N SER A 11 8.28 -1.18 1.57
CA SER A 11 7.24 -0.53 0.78
C SER A 11 6.73 -1.45 -0.33
N PHE A 12 5.45 -1.30 -0.65
CA PHE A 12 4.83 -2.12 -1.69
C PHE A 12 4.57 -1.28 -2.94
N SER A 13 4.59 -1.92 -4.10
CA SER A 13 4.36 -1.24 -5.37
C SER A 13 2.97 -1.58 -5.92
N CYS A 14 2.18 -0.55 -6.17
CA CYS A 14 0.83 -0.74 -6.69
C CYS A 14 0.86 -1.05 -8.18
N PRO A 15 -0.08 -1.88 -8.65
CA PRO A 15 -0.17 -2.27 -10.07
C PRO A 15 -0.57 -1.11 -10.97
N GLY A 16 0.10 -0.99 -12.12
CA GLY A 16 -0.19 0.08 -13.05
C GLY A 16 0.13 1.46 -12.50
N THR A 17 1.19 1.54 -11.70
CA THR A 17 1.60 2.80 -11.11
C THR A 17 2.84 2.62 -10.24
N HIS A 18 3.63 3.69 -10.09
CA HIS A 18 4.83 3.65 -9.28
C HIS A 18 4.53 4.03 -7.84
N VAL A 19 3.26 4.28 -7.53
CA VAL A 19 2.86 4.66 -6.18
C VAL A 19 3.28 3.59 -5.17
N CYS A 20 4.06 4.00 -4.17
CA CYS A 20 4.52 3.07 -3.15
C CYS A 20 3.73 3.24 -1.85
N VAL A 21 3.81 2.24 -0.99
CA VAL A 21 3.12 2.26 0.29
C VAL A 21 3.82 1.37 1.32
N PRO A 22 4.02 1.88 2.55
CA PRO A 22 4.68 1.12 3.61
C PRO A 22 3.81 -0.03 4.12
N GLU A 23 4.44 -1.12 4.52
CA GLU A 23 3.72 -2.29 5.03
C GLU A 23 2.70 -1.87 6.09
N ARG A 24 3.08 -0.92 6.94
CA ARG A 24 2.19 -0.43 7.99
C ARG A 24 0.91 0.11 7.38
N TRP A 25 1.00 0.61 6.15
CA TRP A 25 -0.15 1.17 5.46
C TRP A 25 -0.86 0.07 4.65
N LEU A 26 -0.11 -0.96 4.29
CA LEU A 26 -0.65 -2.07 3.52
C LEU A 26 -1.83 -2.71 4.25
N CYS A 27 -3.02 -2.58 3.66
CA CYS A 27 -4.23 -3.15 4.26
C CYS A 27 -4.43 -2.63 5.68
N ASP A 28 -4.43 -1.31 5.83
CA ASP A 28 -4.62 -0.69 7.13
C ASP A 28 -6.01 -0.07 7.25
N GLY A 29 -6.67 0.13 6.12
CA GLY A 29 -8.00 0.71 6.12
C GLY A 29 -8.08 1.99 5.33
N ASP A 30 -6.93 2.57 5.02
CA ASP A 30 -6.89 3.81 4.24
C ASP A 30 -6.38 3.55 2.83
N LYS A 31 -7.28 3.61 1.86
CA LYS A 31 -6.92 3.38 0.46
C LYS A 31 -5.86 4.38 -0.01
N ASP A 32 -4.60 4.05 0.24
CA ASP A 32 -3.50 4.91 -0.17
C ASP A 32 -3.29 4.84 -1.67
N CYS A 33 -3.69 3.72 -2.27
CA CYS A 33 -3.55 3.50 -3.70
C CYS A 33 -4.73 4.12 -4.45
N ALA A 34 -4.56 4.27 -5.76
CA ALA A 34 -5.61 4.84 -6.60
C ALA A 34 -6.85 3.96 -6.58
N ASP A 35 -6.64 2.65 -6.54
CA ASP A 35 -7.74 1.70 -6.50
C ASP A 35 -7.68 0.83 -5.25
N GLY A 36 -6.94 1.30 -4.24
CA GLY A 36 -6.83 0.56 -3.00
C GLY A 36 -6.11 -0.77 -3.16
N ALA A 37 -5.23 -0.86 -4.18
CA ALA A 37 -4.48 -2.09 -4.42
C ALA A 37 -3.78 -2.56 -3.15
N ASP A 38 -3.28 -1.60 -2.37
CA ASP A 38 -2.59 -1.92 -1.12
C ASP A 38 -3.52 -2.64 -0.16
N GLU A 39 -4.83 -2.45 -0.34
CA GLU A 39 -5.83 -3.09 0.52
C GLU A 39 -6.40 -4.35 -0.13
N SER A 40 -5.66 -4.90 -1.10
CA SER A 40 -6.11 -6.10 -1.80
C SER A 40 -5.00 -7.14 -1.86
N ILE A 41 -5.29 -8.28 -2.48
CA ILE A 41 -4.32 -9.35 -2.62
C ILE A 41 -3.10 -8.89 -3.41
N ALA A 42 -3.28 -7.83 -4.20
CA ALA A 42 -2.19 -7.29 -5.01
C ALA A 42 -0.95 -7.03 -4.16
N ALA A 43 -1.17 -6.63 -2.92
CA ALA A 43 -0.07 -6.34 -1.99
C ALA A 43 0.40 -7.62 -1.31
N GLY A 44 -0.47 -8.63 -1.25
CA GLY A 44 -0.12 -9.88 -0.62
C GLY A 44 -0.71 -10.01 0.77
N CYS A 45 -1.95 -9.56 0.93
CA CYS A 45 -2.62 -9.64 2.22
C CYS A 45 -3.55 -10.85 2.29
N LEU A 46 -4.54 -10.88 1.40
CA LEU A 46 -5.50 -11.97 1.36
C LEU A 46 -6.43 -11.93 2.55
N TYR A 47 -6.75 -10.72 3.01
CA TYR A 47 -7.64 -10.54 4.15
C TYR A 47 -9.09 -10.53 3.72
N ASN A 48 -9.34 -9.96 2.54
CA ASN A 48 -10.70 -9.87 2.00
C ASN A 48 -11.56 -8.95 2.86
N SER A 49 -10.97 -7.86 3.33
CA SER A 49 -11.67 -6.90 4.16
C SER A 49 -12.87 -6.30 3.42
N THR A 50 -12.58 -5.39 2.48
CA THR A 50 -13.63 -4.75 1.70
C THR A 50 -13.05 -4.14 0.43
CA CA B . -3.85 0.89 2.42
#